data_3GZB
#
_entry.id   3GZB
#
_cell.length_a   90.240
_cell.length_b   89.940
_cell.length_c   94.320
_cell.angle_alpha   90.000
_cell.angle_beta   89.940
_cell.angle_gamma   90.000
#
_symmetry.space_group_name_H-M   'P 1 21 1'
#
loop_
_entity.id
_entity.type
_entity.pdbx_description
1 polymer 'Putative SnoaL-like polyketide cyclase'
2 non-polymer (4R)-2-METHYLPENTANE-2,4-DIOL
3 non-polymer (4S)-2-METHYL-2,4-PENTANEDIOL
4 non-polymer 1,2-ETHANEDIOL
5 water water
#
_entity_poly.entity_id   1
_entity_poly.type   'polypeptide(L)'
_entity_poly.pdbx_seq_one_letter_code
;G(MSE)FASLVIPVSAQANSGE(MSE)PQEQQLAVKY(MSE)DALTEHDYKTLITFYNRDSIFFDKTANRKYTGGRFIID
FLERAHQGVLEYDFNIEH(MSE)YNAGSLVV(MSE)IGNYHFKGPGEQFGKPGKIIDVAIPAVTSLKLD(MSE)LNRRVT
EHVDLIDYQT(MSE)SDQLA(MSE)Q
;
_entity_poly.pdbx_strand_id   A,B,C,D,E,F,G,H
#
# COMPACT_ATOMS: atom_id res chain seq x y z
N GLY A 1 15.63 1.96 -38.58
CA GLY A 1 16.51 0.99 -39.30
C GLY A 1 15.88 -0.39 -39.35
N PHE A 3 16.61 -4.35 -38.75
CA PHE A 3 17.53 -5.23 -38.02
C PHE A 3 17.05 -6.66 -38.03
N ALA A 4 18.00 -7.58 -37.97
CA ALA A 4 17.76 -9.01 -37.75
C ALA A 4 18.45 -9.46 -36.47
N SER A 5 18.03 -10.62 -35.96
CA SER A 5 18.65 -11.24 -34.77
C SER A 5 19.28 -12.55 -35.23
N LEU A 6 20.54 -12.74 -34.85
CA LEU A 6 21.28 -13.94 -35.16
CA LEU A 6 21.23 -13.97 -35.17
C LEU A 6 21.51 -14.71 -33.87
N VAL A 7 21.12 -15.98 -33.86
CA VAL A 7 21.39 -16.85 -32.69
C VAL A 7 22.77 -17.46 -32.94
N ILE A 8 23.66 -17.22 -31.96
CA ILE A 8 25.09 -17.53 -32.02
CA ILE A 8 25.04 -17.66 -32.06
C ILE A 8 25.43 -18.39 -30.78
N PRO A 9 26.10 -19.54 -30.92
CA PRO A 9 26.59 -20.19 -29.71
C PRO A 9 27.59 -19.29 -29.02
N VAL A 10 27.54 -19.16 -27.71
CA VAL A 10 28.45 -18.30 -26.97
C VAL A 10 29.92 -18.81 -27.15
N SER A 11 30.10 -20.10 -27.33
CA SER A 11 31.42 -20.64 -27.62
C SER A 11 32.04 -19.99 -28.86
N ALA A 12 31.21 -19.56 -29.83
CA ALA A 12 31.76 -18.88 -31.01
C ALA A 12 32.16 -17.42 -30.75
N GLN A 13 31.69 -16.82 -29.65
CA GLN A 13 32.04 -15.48 -29.20
C GLN A 13 33.21 -15.47 -28.23
N ALA A 14 33.50 -16.63 -27.63
CA ALA A 14 34.41 -16.70 -26.49
C ALA A 14 35.81 -16.29 -26.82
N ASN A 15 36.19 -16.43 -28.07
CA ASN A 15 37.56 -16.14 -28.47
C ASN A 15 37.68 -14.87 -29.31
N SER A 16 36.73 -13.93 -29.17
CA SER A 16 36.73 -12.67 -29.88
C SER A 16 37.93 -11.81 -29.54
N GLY A 17 38.51 -12.06 -28.38
CA GLY A 17 39.54 -11.25 -27.79
C GLY A 17 39.04 -10.28 -26.75
N GLU A 18 37.73 -10.22 -26.59
CA GLU A 18 37.08 -9.32 -25.64
C GLU A 18 36.42 -10.00 -24.44
N PRO A 20 36.33 -11.93 -20.98
CA PRO A 20 37.21 -12.26 -19.88
C PRO A 20 37.39 -13.78 -19.73
N GLN A 21 38.56 -14.21 -19.30
CA GLN A 21 38.80 -15.64 -19.15
C GLN A 21 37.78 -16.34 -18.21
N GLU A 22 37.33 -15.63 -17.19
CA GLU A 22 36.37 -16.21 -16.24
C GLU A 22 35.06 -16.54 -16.94
N GLN A 23 34.60 -15.61 -17.80
CA GLN A 23 33.43 -15.90 -18.64
C GLN A 23 33.68 -17.06 -19.62
N GLN A 24 34.87 -17.15 -20.22
CA GLN A 24 35.17 -18.19 -21.19
C GLN A 24 35.07 -19.55 -20.51
N LEU A 25 35.54 -19.63 -19.29
CA LEU A 25 35.45 -20.90 -18.57
C LEU A 25 34.01 -21.25 -18.21
N ALA A 26 33.22 -20.25 -17.83
CA ALA A 26 31.83 -20.46 -17.55
C ALA A 26 31.12 -21.03 -18.77
N VAL A 27 31.44 -20.55 -19.98
CA VAL A 27 30.83 -21.08 -21.18
C VAL A 27 31.10 -22.59 -21.32
N LYS A 28 32.33 -23.01 -21.12
CA LYS A 28 32.70 -24.44 -21.18
CA LYS A 28 32.62 -24.44 -21.24
C LYS A 28 31.87 -25.28 -20.21
N TYR A 29 31.78 -24.79 -18.99
CA TYR A 29 30.96 -25.48 -17.97
C TYR A 29 29.49 -25.60 -18.36
N ASP A 31 28.11 -25.32 -21.36
CA ASP A 31 27.93 -26.21 -22.53
C ASP A 31 27.94 -27.66 -22.06
N ALA A 32 28.86 -28.04 -21.19
CA ALA A 32 28.87 -29.42 -20.64
C ALA A 32 27.59 -29.76 -19.89
N LEU A 33 27.15 -28.85 -19.05
CA LEU A 33 25.94 -29.09 -18.26
C LEU A 33 24.72 -29.31 -19.14
N THR A 34 24.51 -28.39 -20.09
CA THR A 34 23.31 -28.41 -20.88
C THR A 34 23.30 -29.52 -21.93
N GLU A 35 24.46 -30.08 -22.27
CA GLU A 35 24.63 -31.25 -23.12
CA GLU A 35 24.46 -31.27 -23.12
C GLU A 35 24.64 -32.57 -22.33
N HIS A 36 24.51 -32.50 -20.99
CA HIS A 36 24.59 -33.70 -20.13
C HIS A 36 25.93 -34.42 -20.33
N ASP A 37 27.01 -33.64 -20.51
CA ASP A 37 28.35 -34.20 -20.65
C ASP A 37 28.97 -34.33 -19.27
N TYR A 38 28.56 -35.37 -18.53
CA TYR A 38 28.97 -35.54 -17.15
C TYR A 38 30.45 -35.88 -17.01
N LYS A 39 31.05 -36.51 -18.01
CA LYS A 39 32.50 -36.76 -17.98
C LYS A 39 33.28 -35.46 -17.89
N THR A 40 32.87 -34.46 -18.67
CA THR A 40 33.51 -33.15 -18.60
C THR A 40 33.08 -32.43 -17.35
N LEU A 41 31.79 -32.49 -17.05
CA LEU A 41 31.26 -31.73 -15.93
C LEU A 41 31.94 -32.08 -14.62
N ILE A 42 32.21 -33.37 -14.37
CA ILE A 42 32.76 -33.72 -13.07
C ILE A 42 34.18 -33.17 -12.90
N THR A 43 34.89 -32.90 -14.00
CA THR A 43 36.22 -32.23 -13.91
C THR A 43 36.16 -30.85 -13.27
N PHE A 44 34.98 -30.23 -13.26
CA PHE A 44 34.84 -28.91 -12.69
C PHE A 44 34.48 -28.97 -11.20
N TYR A 45 34.32 -30.16 -10.62
CA TYR A 45 33.91 -30.25 -9.22
C TYR A 45 34.96 -30.96 -8.38
N ASN A 46 35.01 -30.61 -7.11
CA ASN A 46 35.66 -31.45 -6.09
C ASN A 46 34.75 -31.69 -4.90
N ARG A 47 35.25 -32.29 -3.82
CA ARG A 47 34.40 -32.65 -2.70
C ARG A 47 33.74 -31.43 -1.99
N ASP A 48 34.25 -30.23 -2.25
CA ASP A 48 33.74 -29.02 -1.62
C ASP A 48 32.82 -28.23 -2.54
N SER A 49 32.68 -28.62 -3.80
CA SER A 49 31.84 -27.82 -4.72
C SER A 49 30.37 -27.85 -4.26
N ILE A 50 29.69 -26.74 -4.47
CA ILE A 50 28.30 -26.58 -4.07
C ILE A 50 27.46 -26.32 -5.32
N PHE A 51 26.32 -27.02 -5.45
CA PHE A 51 25.27 -26.71 -6.41
CA PHE A 51 25.25 -26.66 -6.40
C PHE A 51 24.05 -26.29 -5.57
N PHE A 52 23.62 -25.05 -5.63
CA PHE A 52 22.51 -24.55 -4.80
C PHE A 52 21.43 -23.98 -5.68
N ASP A 53 20.31 -24.68 -5.81
CA ASP A 53 19.11 -24.09 -6.39
C ASP A 53 18.41 -23.37 -5.23
N LYS A 54 18.64 -22.07 -5.16
CA LYS A 54 18.12 -21.29 -4.03
CA LYS A 54 18.17 -21.26 -4.06
C LYS A 54 16.63 -21.16 -4.10
N THR A 55 16.07 -21.08 -5.30
N THR A 55 16.06 -21.13 -5.30
CA THR A 55 14.61 -21.05 -5.48
C THR A 55 13.99 -22.27 -4.88
C THR A 55 13.83 -22.38 -5.19
N ALA A 56 14.56 -23.47 -5.17
CA ALA A 56 14.03 -24.76 -4.70
C ALA A 56 14.47 -25.06 -3.27
N ASN A 57 15.38 -24.28 -2.75
CA ASN A 57 16.00 -24.50 -1.47
C ASN A 57 16.60 -25.90 -1.35
N ARG A 58 17.45 -26.21 -2.33
CA ARG A 58 18.16 -27.48 -2.44
CA ARG A 58 18.20 -27.44 -2.33
C ARG A 58 19.67 -27.21 -2.63
N LYS A 59 20.48 -27.44 -1.61
CA LYS A 59 21.92 -27.24 -1.65
CA LYS A 59 21.92 -27.26 -1.68
C LYS A 59 22.65 -28.60 -1.59
N TYR A 60 23.33 -28.96 -2.67
CA TYR A 60 24.11 -30.22 -2.77
C TYR A 60 25.57 -29.86 -2.57
N THR A 61 26.28 -30.60 -1.72
CA THR A 61 27.69 -30.38 -1.52
C THR A 61 28.47 -31.62 -1.88
N GLY A 62 29.44 -31.44 -2.77
CA GLY A 62 30.32 -32.52 -3.21
C GLY A 62 30.04 -32.95 -4.64
N GLY A 63 31.06 -32.96 -5.48
CA GLY A 63 30.88 -33.29 -6.90
C GLY A 63 30.19 -34.60 -7.16
N ARG A 64 30.48 -35.65 -6.38
CA ARG A 64 29.80 -36.93 -6.62
C ARG A 64 28.29 -36.84 -6.35
N PHE A 65 27.90 -36.13 -5.31
CA PHE A 65 26.48 -35.97 -5.00
C PHE A 65 25.80 -35.07 -6.04
N ILE A 66 26.49 -34.05 -6.52
CA ILE A 66 25.94 -33.15 -7.52
C ILE A 66 25.69 -33.95 -8.82
N ILE A 67 26.70 -34.70 -9.26
CA ILE A 67 26.57 -35.44 -10.53
C ILE A 67 25.43 -36.45 -10.45
N ASP A 68 25.34 -37.18 -9.32
CA ASP A 68 24.23 -38.13 -9.22
C ASP A 68 22.86 -37.46 -9.28
N PHE A 69 22.68 -36.36 -8.57
CA PHE A 69 21.45 -35.58 -8.62
C PHE A 69 21.13 -35.13 -10.05
N LEU A 70 22.13 -34.59 -10.74
CA LEU A 70 21.93 -34.10 -12.13
C LEU A 70 21.54 -35.23 -13.06
N GLU A 71 22.26 -36.35 -12.97
CA GLU A 71 22.00 -37.46 -13.87
C GLU A 71 20.59 -38.00 -13.67
N ARG A 72 20.22 -38.19 -12.42
CA ARG A 72 18.86 -38.65 -12.10
C ARG A 72 17.76 -37.64 -12.54
N ALA A 73 17.97 -36.38 -12.25
CA ALA A 73 16.99 -35.36 -12.61
C ALA A 73 16.75 -35.30 -14.13
N HIS A 74 17.78 -35.60 -14.91
CA HIS A 74 17.71 -35.46 -16.36
C HIS A 74 17.49 -36.74 -17.14
N GLN A 75 17.14 -37.82 -16.47
CA GLN A 75 16.79 -39.06 -17.17
C GLN A 75 15.78 -38.75 -18.25
N GLY A 76 16.17 -39.05 -19.48
CA GLY A 76 15.27 -38.88 -20.63
C GLY A 76 15.22 -37.47 -21.23
N VAL A 77 15.90 -36.53 -20.60
CA VAL A 77 15.87 -35.15 -21.05
C VAL A 77 16.90 -35.00 -22.17
N LEU A 78 16.47 -34.38 -23.27
CA LEU A 78 17.35 -34.10 -24.39
C LEU A 78 18.23 -32.89 -24.11
N GLU A 79 19.24 -32.64 -24.92
CA GLU A 79 20.03 -31.42 -24.72
C GLU A 79 19.09 -30.22 -24.62
N TYR A 80 19.38 -29.32 -23.69
CA TYR A 80 18.62 -28.10 -23.51
C TYR A 80 19.54 -26.90 -23.71
N ASP A 81 18.95 -25.72 -23.85
CA ASP A 81 19.74 -24.52 -24.14
C ASP A 81 19.61 -23.51 -23.04
N PHE A 82 20.69 -22.78 -22.80
CA PHE A 82 20.63 -21.60 -21.97
C PHE A 82 20.80 -20.42 -22.90
N ASN A 83 19.71 -19.70 -23.13
CA ASN A 83 19.69 -18.58 -24.06
C ASN A 83 19.88 -17.34 -23.23
N ILE A 84 21.08 -16.81 -23.30
CA ILE A 84 21.41 -15.70 -22.41
C ILE A 84 21.08 -14.33 -22.96
N GLU A 85 20.54 -13.50 -22.10
CA GLU A 85 20.33 -12.09 -22.39
C GLU A 85 21.50 -11.22 -21.99
N HIS A 86 22.18 -11.57 -20.91
CA HIS A 86 23.33 -10.83 -20.45
C HIS A 86 24.22 -11.69 -19.57
N TYR A 88 27.91 -11.13 -17.20
CA TYR A 88 28.97 -10.28 -16.70
C TYR A 88 29.73 -10.96 -15.60
N ASN A 89 30.84 -10.33 -15.17
CA ASN A 89 31.62 -10.94 -14.11
C ASN A 89 32.26 -9.89 -13.22
N ALA A 90 32.45 -10.30 -11.98
CA ALA A 90 33.25 -9.56 -11.00
C ALA A 90 34.34 -10.49 -10.54
N GLY A 91 35.53 -10.36 -11.09
CA GLY A 91 36.50 -11.41 -10.86
C GLY A 91 36.00 -12.77 -11.28
N SER A 92 36.22 -13.73 -10.38
CA SER A 92 35.86 -15.10 -10.60
CA SER A 92 35.84 -15.09 -10.68
C SER A 92 34.38 -15.41 -10.38
N LEU A 93 33.51 -14.41 -10.12
CA LEU A 93 32.06 -14.61 -9.98
C LEU A 93 31.45 -14.18 -11.30
N VAL A 94 30.86 -15.14 -12.00
CA VAL A 94 30.22 -14.94 -13.30
C VAL A 94 28.69 -15.01 -13.13
N VAL A 95 27.97 -14.02 -13.69
CA VAL A 95 26.53 -13.90 -13.54
C VAL A 95 25.93 -13.97 -14.90
N ILE A 97 22.12 -14.09 -16.99
CA ILE A 97 20.70 -13.83 -16.97
C ILE A 97 20.16 -14.35 -18.29
N GLY A 98 19.12 -15.20 -18.27
CA GLY A 98 18.62 -15.76 -19.49
C GLY A 98 17.42 -16.66 -19.30
N ASN A 99 17.16 -17.54 -20.27
CA ASN A 99 16.06 -18.48 -20.25
C ASN A 99 16.62 -19.86 -20.59
N TYR A 100 16.20 -20.86 -19.82
CA TYR A 100 16.50 -22.22 -20.15
C TYR A 100 15.38 -22.81 -20.99
N HIS A 101 15.73 -23.26 -22.19
CA HIS A 101 14.79 -23.81 -23.17
C HIS A 101 14.94 -25.31 -23.23
N PHE A 102 13.84 -26.00 -22.86
CA PHE A 102 13.75 -27.43 -22.93
C PHE A 102 12.67 -27.81 -23.96
N LYS A 103 13.03 -28.73 -24.85
CA LYS A 103 12.10 -29.35 -25.81
C LYS A 103 12.34 -30.84 -25.87
N GLY A 104 11.29 -31.61 -25.66
CA GLY A 104 11.42 -33.07 -25.75
C GLY A 104 10.43 -33.81 -24.90
N PRO A 105 10.67 -35.10 -24.67
CA PRO A 105 9.80 -35.91 -23.86
C PRO A 105 9.52 -35.25 -22.52
N GLY A 106 8.25 -35.28 -22.14
CA GLY A 106 7.81 -34.52 -20.97
C GLY A 106 7.75 -35.27 -19.65
N GLU A 107 8.25 -36.51 -19.60
CA GLU A 107 8.18 -37.28 -18.35
C GLU A 107 8.66 -36.51 -17.12
N GLN A 108 9.83 -35.90 -17.19
CA GLN A 108 10.40 -35.17 -16.03
CA GLN A 108 10.37 -35.22 -16.01
C GLN A 108 9.63 -33.91 -15.67
N PHE A 109 8.77 -33.45 -16.58
CA PHE A 109 7.99 -32.24 -16.39
C PHE A 109 6.53 -32.56 -16.03
N GLY A 110 6.23 -33.79 -15.63
CA GLY A 110 4.85 -34.17 -15.32
C GLY A 110 3.91 -34.39 -16.51
N LYS A 111 4.48 -34.61 -17.70
CA LYS A 111 3.74 -34.75 -18.95
C LYS A 111 4.17 -36.03 -19.68
N PRO A 112 3.97 -37.19 -19.03
CA PRO A 112 4.40 -38.43 -19.68
C PRO A 112 3.69 -38.71 -21.02
N GLY A 113 4.47 -39.24 -21.96
CA GLY A 113 3.98 -39.58 -23.28
C GLY A 113 3.70 -38.41 -24.19
N LYS A 114 4.07 -37.21 -23.75
CA LYS A 114 3.94 -35.99 -24.54
C LYS A 114 5.30 -35.38 -24.76
N ILE A 115 5.34 -34.51 -25.76
CA ILE A 115 6.49 -33.65 -26.04
C ILE A 115 6.15 -32.26 -25.50
N ILE A 116 7.07 -31.71 -24.70
CA ILE A 116 6.91 -30.39 -24.09
C ILE A 116 7.89 -29.41 -24.70
N ASP A 117 7.59 -28.13 -24.55
CA ASP A 117 8.47 -27.04 -24.99
C ASP A 117 8.27 -25.90 -24.01
N VAL A 118 9.28 -25.62 -23.19
CA VAL A 118 9.20 -24.55 -22.20
C VAL A 118 10.46 -23.69 -22.25
N ALA A 119 10.27 -22.41 -21.88
CA ALA A 119 11.37 -21.45 -21.81
C ALA A 119 11.30 -20.79 -20.45
N ILE A 120 12.28 -21.08 -19.60
CA ILE A 120 12.18 -20.77 -18.18
C ILE A 120 13.15 -19.65 -17.80
N PRO A 121 12.63 -18.48 -17.41
CA PRO A 121 13.58 -17.40 -16.96
C PRO A 121 14.43 -17.85 -15.78
N ALA A 122 15.68 -17.36 -15.74
CA ALA A 122 16.65 -17.73 -14.71
C ALA A 122 17.81 -16.80 -14.62
N VAL A 123 18.41 -16.78 -13.44
CA VAL A 123 19.72 -16.24 -13.17
C VAL A 123 20.54 -17.38 -12.63
N THR A 124 21.71 -17.57 -13.21
CA THR A 124 22.70 -18.57 -12.76
C THR A 124 24.01 -17.84 -12.49
N SER A 125 24.63 -18.06 -11.32
CA SER A 125 25.95 -17.53 -11.05
C SER A 125 26.88 -18.67 -10.77
N LEU A 126 28.13 -18.49 -11.17
CA LEU A 126 29.22 -19.43 -10.92
C LEU A 126 30.36 -18.71 -10.22
N LYS A 127 30.81 -19.26 -9.11
CA LYS A 127 32.06 -18.81 -8.50
CA LYS A 127 32.08 -18.81 -8.51
C LYS A 127 33.12 -19.83 -8.92
N LEU A 128 34.18 -19.36 -9.57
CA LEU A 128 35.18 -20.17 -10.17
C LEU A 128 36.49 -20.11 -9.39
N ASP A 129 37.19 -21.24 -9.38
CA ASP A 129 38.61 -21.33 -8.96
C ASP A 129 39.40 -21.49 -10.24
N LEU A 131 42.63 -21.23 -10.94
CA LEU A 131 43.86 -22.06 -10.88
C LEU A 131 43.54 -23.53 -11.16
N ASN A 132 42.48 -24.04 -10.53
CA ASN A 132 42.15 -25.45 -10.64
C ASN A 132 41.06 -25.76 -11.66
N ARG A 133 40.58 -24.74 -12.38
CA ARG A 133 39.58 -24.92 -13.41
CA ARG A 133 39.52 -24.86 -13.39
C ARG A 133 38.30 -25.60 -12.82
N ARG A 134 37.84 -25.06 -11.70
CA ARG A 134 36.80 -25.64 -10.83
CA ARG A 134 36.68 -25.68 -11.01
C ARG A 134 35.64 -24.65 -10.65
N VAL A 135 34.43 -25.17 -10.51
CA VAL A 135 33.28 -24.40 -10.01
C VAL A 135 33.20 -24.70 -8.54
N THR A 136 33.40 -23.66 -7.72
CA THR A 136 33.28 -23.83 -6.30
C THR A 136 31.81 -23.69 -5.85
N GLU A 137 31.03 -22.83 -6.53
CA GLU A 137 29.61 -22.66 -6.20
CA GLU A 137 29.62 -22.63 -6.18
C GLU A 137 28.84 -22.29 -7.43
N HIS A 138 27.81 -23.08 -7.70
CA HIS A 138 26.82 -22.85 -8.76
C HIS A 138 25.52 -22.52 -8.06
N VAL A 139 25.02 -21.28 -8.27
CA VAL A 139 23.72 -20.88 -7.69
C VAL A 139 22.71 -20.65 -8.79
N ASP A 140 21.56 -21.34 -8.72
CA ASP A 140 20.47 -21.13 -9.63
C ASP A 140 19.29 -20.43 -8.96
N LEU A 141 18.75 -19.45 -9.68
CA LEU A 141 17.49 -18.79 -9.31
C LEU A 141 16.54 -18.98 -10.47
N ILE A 142 15.68 -19.99 -10.39
CA ILE A 142 14.84 -20.44 -11.51
C ILE A 142 13.43 -19.94 -11.31
N ASP A 143 12.80 -19.42 -12.39
CA ASP A 143 11.40 -18.97 -12.32
C ASP A 143 10.45 -20.15 -12.60
N TYR A 144 10.21 -20.95 -11.55
CA TYR A 144 9.39 -22.15 -11.67
C TYR A 144 7.93 -21.83 -11.95
N GLN A 145 7.39 -20.71 -11.44
CA GLN A 145 6.01 -20.39 -11.72
C GLN A 145 5.78 -20.15 -13.20
N THR A 146 6.72 -19.49 -13.88
CA THR A 146 6.59 -19.30 -15.31
C THR A 146 6.62 -20.64 -16.03
N SER A 148 5.64 -23.51 -14.75
CA SER A 148 4.35 -24.13 -14.46
CA SER A 148 4.36 -24.15 -14.47
C SER A 148 3.22 -23.55 -15.33
N ASP A 149 3.21 -22.24 -15.53
CA ASP A 149 2.21 -21.58 -16.39
C ASP A 149 2.24 -22.14 -17.82
N GLN A 150 3.43 -22.35 -18.35
CA GLN A 150 3.59 -22.88 -19.70
C GLN A 150 3.15 -24.34 -19.76
N LEU A 151 3.49 -25.13 -18.75
CA LEU A 151 3.12 -26.55 -18.73
C LEU A 151 1.64 -26.76 -18.58
N ALA A 152 0.97 -25.80 -17.96
CA ALA A 152 -0.50 -25.87 -17.78
C ALA A 152 -1.21 -25.89 -19.11
N GLN A 154 0.00 -27.46 -21.76
CA GLN A 154 0.55 -28.61 -22.51
C GLN A 154 0.16 -29.95 -21.90
N GLU B 18 -3.58 -9.84 -7.82
CA GLU B 18 -2.94 -10.95 -8.58
C GLU B 18 -1.45 -11.10 -8.21
N PRO B 20 1.69 -11.80 -6.18
CA PRO B 20 1.90 -12.45 -4.88
C PRO B 20 2.30 -11.48 -3.79
N GLN B 21 1.87 -11.75 -2.57
CA GLN B 21 2.13 -10.88 -1.45
C GLN B 21 3.64 -10.65 -1.25
N GLU B 22 4.44 -11.68 -1.50
CA GLU B 22 5.89 -11.56 -1.34
C GLU B 22 6.45 -10.52 -2.31
N GLN B 23 6.00 -10.55 -3.56
CA GLN B 23 6.39 -9.54 -4.56
C GLN B 23 5.91 -8.12 -4.19
N GLN B 24 4.67 -8.02 -3.69
CA GLN B 24 4.14 -6.72 -3.28
C GLN B 24 5.03 -6.11 -2.18
N LEU B 25 5.45 -6.92 -1.20
CA LEU B 25 6.35 -6.43 -0.15
C LEU B 25 7.69 -6.01 -0.74
N ALA B 26 8.25 -6.82 -1.65
CA ALA B 26 9.52 -6.46 -2.27
C ALA B 26 9.40 -5.13 -2.99
N VAL B 27 8.31 -4.86 -3.71
CA VAL B 27 8.16 -3.57 -4.40
C VAL B 27 8.06 -2.42 -3.36
N LYS B 28 7.33 -2.63 -2.27
CA LYS B 28 7.26 -1.60 -1.24
C LYS B 28 8.67 -1.26 -0.68
N TYR B 29 9.47 -2.32 -0.40
CA TYR B 29 10.82 -2.16 0.07
C TYR B 29 11.70 -1.40 -0.93
N ASP B 31 10.79 0.54 -3.39
CA ASP B 31 10.34 1.94 -3.55
C ASP B 31 10.90 2.76 -2.36
N ALA B 32 10.81 2.23 -1.14
CA ALA B 32 11.38 2.99 0.00
C ALA B 32 12.89 3.23 -0.17
N LEU B 33 13.62 2.19 -0.59
CA LEU B 33 15.05 2.29 -0.77
C LEU B 33 15.41 3.34 -1.81
N THR B 34 14.78 3.27 -2.98
CA THR B 34 15.14 4.13 -4.09
C THR B 34 14.66 5.55 -3.88
N GLU B 35 13.67 5.77 -3.04
CA GLU B 35 13.23 7.11 -2.69
C GLU B 35 13.98 7.70 -1.51
N HIS B 36 14.76 6.83 -0.84
CA HIS B 36 15.39 7.21 0.45
CA HIS B 36 15.43 7.08 0.43
C HIS B 36 14.37 7.55 1.49
N ASP B 37 13.23 6.86 1.48
CA ASP B 37 12.21 6.97 2.52
C ASP B 37 12.63 6.10 3.68
N TYR B 38 13.55 6.61 4.49
CA TYR B 38 14.18 5.81 5.54
C TYR B 38 13.22 5.44 6.67
N LYS B 39 12.20 6.26 6.93
CA LYS B 39 11.21 5.86 7.93
CA LYS B 39 11.17 5.91 7.91
C LYS B 39 10.47 4.60 7.54
N THR B 40 10.13 4.44 6.28
CA THR B 40 9.51 3.20 5.79
C THR B 40 10.59 2.11 5.71
N LEU B 41 11.79 2.46 5.19
CA LEU B 41 12.76 1.44 4.93
C LEU B 41 13.15 0.70 6.23
N ILE B 42 13.37 1.45 7.29
CA ILE B 42 13.87 0.87 8.55
C ILE B 42 12.88 -0.15 9.12
N THR B 43 11.60 -0.08 8.75
CA THR B 43 10.62 -1.07 9.18
C THR B 43 10.95 -2.47 8.64
N PHE B 44 11.75 -2.54 7.59
CA PHE B 44 12.13 -3.81 6.97
C PHE B 44 13.39 -4.40 7.58
N TYR B 45 14.04 -3.71 8.50
CA TYR B 45 15.32 -4.15 9.00
C TYR B 45 15.31 -4.35 10.51
N ASN B 46 16.12 -5.32 10.95
CA ASN B 46 16.62 -5.33 12.33
C ASN B 46 18.16 -5.40 12.28
N ARG B 47 18.82 -5.55 13.43
CA ARG B 47 20.26 -5.48 13.42
CA ARG B 47 20.28 -5.54 13.48
C ARG B 47 20.92 -6.66 12.72
N ASP B 48 20.16 -7.69 12.40
CA ASP B 48 20.66 -8.85 11.71
C ASP B 48 20.42 -8.85 10.19
N SER B 49 19.66 -7.88 9.67
CA SER B 49 19.40 -7.84 8.23
C SER B 49 20.69 -7.57 7.46
N ILE B 50 20.96 -8.38 6.43
CA ILE B 50 22.22 -8.31 5.70
C ILE B 50 21.98 -7.72 4.34
N PHE B 51 22.74 -6.68 3.98
CA PHE B 51 22.83 -6.17 2.60
C PHE B 51 24.21 -6.60 2.09
N PHE B 52 24.24 -7.40 1.03
CA PHE B 52 25.49 -7.90 0.48
C PHE B 52 25.52 -7.61 -1.00
N ASP B 53 26.42 -6.73 -1.40
CA ASP B 53 26.71 -6.54 -2.83
C ASP B 53 27.78 -7.54 -3.13
N LYS B 54 27.40 -8.68 -3.64
CA LYS B 54 28.29 -9.82 -3.80
C LYS B 54 29.31 -9.49 -4.92
N THR B 55 28.94 -8.71 -5.93
CA THR B 55 29.84 -8.28 -6.96
C THR B 55 30.93 -7.32 -6.47
N ALA B 56 30.60 -6.43 -5.53
CA ALA B 56 31.58 -5.50 -4.92
C ALA B 56 32.25 -6.16 -3.73
N ASN B 57 31.79 -7.31 -3.28
CA ASN B 57 32.20 -7.94 -2.05
C ASN B 57 32.11 -6.99 -0.85
N ARG B 58 30.98 -6.30 -0.74
CA ARG B 58 30.70 -5.28 0.31
C ARG B 58 29.44 -5.70 1.05
N LYS B 59 29.57 -5.83 2.37
CA LYS B 59 28.48 -6.21 3.26
C LYS B 59 28.24 -5.14 4.31
N TYR B 60 26.95 -4.90 4.57
CA TYR B 60 26.50 -4.02 5.65
C TYR B 60 25.39 -4.78 6.37
N THR B 61 25.44 -4.80 7.69
CA THR B 61 24.49 -5.54 8.49
C THR B 61 23.82 -4.66 9.54
N GLY B 62 22.49 -4.68 9.55
CA GLY B 62 21.66 -3.91 10.44
C GLY B 62 21.22 -2.61 9.79
N GLY B 63 20.00 -2.19 10.10
CA GLY B 63 19.41 -0.99 9.53
C GLY B 63 20.31 0.23 9.64
N ARG B 64 20.94 0.45 10.80
CA ARG B 64 21.71 1.65 10.97
C ARG B 64 22.83 1.71 9.94
N PHE B 65 23.49 0.60 9.74
CA PHE B 65 24.67 0.58 8.88
C PHE B 65 24.31 0.54 7.39
N ILE B 66 23.19 -0.12 7.06
CA ILE B 66 22.69 -0.12 5.69
C ILE B 66 22.33 1.32 5.30
N ILE B 67 21.56 2.00 6.14
CA ILE B 67 21.14 3.38 5.85
C ILE B 67 22.36 4.32 5.77
N ASP B 68 23.33 4.17 6.67
CA ASP B 68 24.55 4.95 6.61
CA ASP B 68 24.59 4.94 6.61
C ASP B 68 25.26 4.76 5.25
N PHE B 69 25.34 3.50 4.78
CA PHE B 69 25.91 3.19 3.46
C PHE B 69 25.15 3.91 2.33
N LEU B 70 23.82 3.83 2.36
CA LEU B 70 23.04 4.47 1.30
C LEU B 70 23.26 5.97 1.30
N GLU B 71 23.31 6.59 2.46
CA GLU B 71 23.58 8.04 2.57
C GLU B 71 24.89 8.41 1.95
N ARG B 72 25.93 7.62 2.19
CA ARG B 72 27.24 7.87 1.60
C ARG B 72 27.31 7.59 0.10
N ALA B 73 26.81 6.44 -0.29
CA ALA B 73 26.83 5.99 -1.68
C ALA B 73 26.09 7.00 -2.55
N HIS B 74 24.96 7.47 -2.06
CA HIS B 74 24.08 8.26 -2.90
C HIS B 74 24.07 9.74 -2.53
N GLN B 75 25.10 10.24 -1.83
CA GLN B 75 25.09 11.64 -1.44
CA GLN B 75 25.16 11.64 -1.45
C GLN B 75 24.89 12.55 -2.67
N GLY B 76 23.95 13.47 -2.51
CA GLY B 76 23.68 14.52 -3.49
C GLY B 76 22.92 14.02 -4.70
N VAL B 77 22.32 12.83 -4.63
CA VAL B 77 21.67 12.20 -5.76
C VAL B 77 20.63 13.12 -6.40
N LEU B 78 20.57 13.11 -7.74
CA LEU B 78 19.51 13.81 -8.50
C LEU B 78 18.34 12.87 -8.82
N GLU B 79 18.64 11.64 -9.25
CA GLU B 79 17.63 10.66 -9.68
CA GLU B 79 17.62 10.65 -9.62
C GLU B 79 18.12 9.26 -9.37
N TYR B 80 17.21 8.40 -8.90
CA TYR B 80 17.60 7.00 -8.63
C TYR B 80 16.38 6.14 -8.80
N ASP B 81 16.49 5.09 -9.58
CA ASP B 81 15.39 4.16 -9.77
C ASP B 81 15.92 2.77 -10.03
N PHE B 82 15.16 1.76 -9.61
CA PHE B 82 15.39 0.37 -10.04
C PHE B 82 14.25 -0.03 -10.95
N ASN B 83 14.57 -0.14 -12.22
CA ASN B 83 13.61 -0.45 -13.25
C ASN B 83 13.57 -1.95 -13.43
N ILE B 84 12.51 -2.58 -12.92
CA ILE B 84 12.36 -4.03 -12.93
C ILE B 84 11.94 -4.50 -14.31
N GLU B 85 12.73 -5.38 -14.91
CA GLU B 85 12.40 -6.01 -16.17
C GLU B 85 11.64 -7.33 -15.99
N HIS B 86 11.99 -8.12 -14.97
CA HIS B 86 11.27 -9.35 -14.67
C HIS B 86 11.45 -9.64 -13.21
N TYR B 88 10.11 -12.52 -10.05
CA TYR B 88 9.50 -13.75 -9.68
C TYR B 88 9.85 -14.07 -8.23
N ASN B 89 9.15 -15.07 -7.68
CA ASN B 89 9.39 -15.52 -6.31
C ASN B 89 9.22 -17.00 -6.15
N ALA B 90 9.93 -17.55 -5.18
CA ALA B 90 9.78 -18.92 -4.68
C ALA B 90 9.63 -18.80 -3.19
N GLY B 91 8.39 -18.94 -2.75
CA GLY B 91 8.09 -18.58 -1.38
C GLY B 91 8.52 -17.15 -1.08
N SER B 92 9.22 -17.00 0.05
CA SER B 92 9.67 -15.69 0.51
C SER B 92 10.98 -15.20 -0.11
N LEU B 93 11.49 -15.90 -1.11
CA LEU B 93 12.65 -15.42 -1.90
C LEU B 93 12.15 -14.74 -3.15
N VAL B 94 12.40 -13.45 -3.27
CA VAL B 94 12.00 -12.69 -4.43
C VAL B 94 13.23 -12.33 -5.26
N VAL B 95 13.13 -12.54 -6.57
CA VAL B 95 14.21 -12.28 -7.52
C VAL B 95 13.77 -11.19 -8.48
N ILE B 97 15.18 -8.93 -11.78
CA ILE B 97 16.14 -8.65 -12.83
C ILE B 97 15.78 -7.27 -13.38
N GLY B 98 16.77 -6.38 -13.46
CA GLY B 98 16.48 -5.05 -13.95
C GLY B 98 17.69 -4.20 -14.15
N ASN B 99 17.51 -2.90 -14.01
CA ASN B 99 18.55 -1.94 -14.28
C ASN B 99 18.44 -0.80 -13.27
N TYR B 100 19.53 -0.46 -12.58
CA TYR B 100 19.58 0.68 -11.67
C TYR B 100 20.01 1.91 -12.45
N HIS B 101 19.21 2.95 -12.42
CA HIS B 101 19.50 4.25 -13.02
C HIS B 101 19.91 5.20 -11.88
N PHE B 102 21.09 5.76 -11.97
CA PHE B 102 21.60 6.70 -10.96
C PHE B 102 22.14 7.90 -11.70
N LYS B 103 21.63 9.07 -11.30
CA LYS B 103 22.21 10.34 -11.73
C LYS B 103 22.60 11.15 -10.49
N GLY B 104 23.87 11.54 -10.40
CA GLY B 104 24.37 12.23 -9.20
C GLY B 104 25.79 12.67 -9.32
N PRO B 105 26.30 13.32 -8.27
CA PRO B 105 27.68 13.85 -8.27
C PRO B 105 28.66 12.75 -8.60
N GLY B 106 29.66 13.07 -9.42
CA GLY B 106 30.62 12.08 -9.87
C GLY B 106 31.82 11.80 -8.98
N GLU B 107 32.02 12.59 -7.93
CA GLU B 107 33.30 12.59 -7.17
C GLU B 107 33.78 11.17 -6.83
N GLN B 108 32.89 10.40 -6.22
CA GLN B 108 33.23 9.06 -5.80
C GLN B 108 33.28 8.04 -6.94
N PHE B 109 32.69 8.37 -8.08
CA PHE B 109 32.78 7.55 -9.30
C PHE B 109 34.01 7.94 -10.12
N GLY B 110 34.91 8.75 -9.57
CA GLY B 110 36.11 9.21 -10.28
C GLY B 110 35.92 10.34 -11.24
N LYS B 111 34.81 11.08 -11.11
CA LYS B 111 34.48 12.17 -12.02
C LYS B 111 34.13 13.44 -11.23
N PRO B 112 35.14 14.04 -10.53
CA PRO B 112 34.92 15.28 -9.77
C PRO B 112 34.38 16.44 -10.59
N GLY B 113 33.51 17.23 -9.97
CA GLY B 113 32.94 18.39 -10.62
C GLY B 113 31.87 18.13 -11.67
N LYS B 114 31.50 16.85 -11.85
CA LYS B 114 30.53 16.48 -12.86
C LYS B 114 29.32 15.82 -12.20
N ILE B 115 28.22 15.76 -12.94
CA ILE B 115 27.08 14.90 -12.59
C ILE B 115 27.14 13.75 -13.59
N ILE B 116 27.23 12.53 -13.07
CA ILE B 116 27.27 11.34 -13.92
C ILE B 116 25.88 10.71 -13.98
N ASP B 117 25.65 9.90 -15.01
CA ASP B 117 24.33 9.33 -15.31
C ASP B 117 24.60 7.92 -15.84
N VAL B 118 24.23 6.89 -15.08
CA VAL B 118 24.54 5.54 -15.41
C VAL B 118 23.25 4.68 -15.31
N ALA B 119 23.21 3.60 -16.09
CA ALA B 119 22.09 2.67 -16.15
C ALA B 119 22.71 1.28 -16.13
N ILE B 120 22.64 0.64 -14.97
CA ILE B 120 23.49 -0.50 -14.64
C ILE B 120 22.66 -1.78 -14.59
N PRO B 121 22.93 -2.78 -15.46
CA PRO B 121 22.24 -4.08 -15.36
C PRO B 121 22.48 -4.73 -14.00
N ALA B 122 21.46 -5.40 -13.48
CA ALA B 122 21.54 -5.98 -12.14
C ALA B 122 20.52 -7.07 -11.88
N VAL B 123 20.86 -7.92 -10.91
CA VAL B 123 19.89 -8.81 -10.25
C VAL B 123 19.92 -8.52 -8.77
N THR B 124 18.75 -8.33 -8.17
CA THR B 124 18.64 -8.14 -6.73
C THR B 124 17.70 -9.22 -6.21
N SER B 125 18.13 -9.97 -5.21
CA SER B 125 17.29 -10.89 -4.56
C SER B 125 17.05 -10.51 -3.11
N LEU B 126 15.82 -10.74 -2.65
CA LEU B 126 15.44 -10.45 -1.26
C LEU B 126 14.89 -11.72 -0.61
N LYS B 127 15.44 -12.10 0.54
CA LYS B 127 14.86 -13.14 1.38
CA LYS B 127 14.84 -13.15 1.37
C LYS B 127 14.05 -12.42 2.44
N LEU B 128 12.75 -12.64 2.44
CA LEU B 128 11.79 -11.96 3.32
C LEU B 128 11.41 -12.87 4.49
N ASP B 129 11.24 -12.23 5.65
CA ASP B 129 10.58 -12.79 6.82
C ASP B 129 9.13 -12.28 6.75
N LEU B 131 6.52 -13.21 8.47
CA LEU B 131 5.84 -13.00 9.74
C LEU B 131 6.07 -11.57 10.22
N ASN B 132 7.33 -11.14 10.21
CA ASN B 132 7.70 -9.86 10.73
C ASN B 132 7.82 -8.73 9.74
N ARG B 133 7.63 -9.04 8.46
CA ARG B 133 7.64 -8.09 7.38
C ARG B 133 9.02 -7.40 7.28
N ARG B 134 10.06 -8.24 7.25
CA ARG B 134 11.44 -7.79 7.21
CA ARG B 134 11.42 -7.76 7.19
C ARG B 134 12.19 -8.42 6.07
N VAL B 135 13.24 -7.73 5.60
CA VAL B 135 14.25 -8.23 4.66
C VAL B 135 15.36 -8.83 5.50
N THR B 136 15.52 -10.15 5.47
CA THR B 136 16.62 -10.79 6.18
C THR B 136 17.94 -10.78 5.40
N GLU B 137 17.86 -10.88 4.07
CA GLU B 137 19.05 -10.83 3.20
C GLU B 137 18.69 -10.16 1.87
N HIS B 138 19.42 -9.11 1.54
CA HIS B 138 19.32 -8.41 0.27
C HIS B 138 20.64 -8.65 -0.43
N VAL B 139 20.62 -9.35 -1.55
CA VAL B 139 21.86 -9.66 -2.31
C VAL B 139 21.76 -8.96 -3.64
N ASP B 140 22.78 -8.17 -3.91
CA ASP B 140 22.94 -7.47 -5.20
C ASP B 140 24.06 -8.11 -6.04
N LEU B 141 23.72 -8.33 -7.33
CA LEU B 141 24.66 -8.74 -8.37
C LEU B 141 24.64 -7.66 -9.44
N ILE B 142 25.60 -6.74 -9.37
CA ILE B 142 25.57 -5.52 -10.18
C ILE B 142 26.66 -5.62 -11.24
N ASP B 143 26.31 -5.19 -12.47
CA ASP B 143 27.25 -5.17 -13.59
C ASP B 143 28.10 -3.90 -13.62
N TYR B 144 29.11 -3.89 -12.75
CA TYR B 144 30.00 -2.73 -12.66
C TYR B 144 30.87 -2.48 -13.89
N GLN B 145 31.19 -3.53 -14.66
CA GLN B 145 31.94 -3.26 -15.88
C GLN B 145 31.12 -2.40 -16.86
N THR B 146 29.84 -2.68 -17.02
CA THR B 146 28.99 -1.78 -17.80
C THR B 146 28.94 -0.37 -17.24
N SER B 148 31.34 1.11 -15.60
CA SER B 148 32.64 1.68 -15.98
CA SER B 148 32.65 1.66 -15.98
C SER B 148 32.69 2.08 -17.46
N ASP B 149 32.10 1.26 -18.34
CA ASP B 149 32.07 1.58 -19.77
C ASP B 149 31.32 2.90 -19.99
N GLN B 150 30.23 3.08 -19.26
CA GLN B 150 29.41 4.32 -19.38
C GLN B 150 30.17 5.50 -18.82
N LEU B 151 30.82 5.34 -17.68
CA LEU B 151 31.58 6.44 -17.09
C LEU B 151 32.76 6.87 -17.96
N ALA B 152 33.29 5.94 -18.75
CA ALA B 152 34.41 6.27 -19.64
C ALA B 152 34.03 7.29 -20.72
N GLN B 154 32.08 9.80 -20.04
CA GLN B 154 31.65 10.95 -19.29
C GLN B 154 32.81 11.68 -18.60
N GLY C 1 23.07 -26.41 -25.23
CA GLY C 1 24.15 -25.39 -25.49
C GLY C 1 23.82 -24.04 -24.93
N PHE C 3 23.65 -20.08 -25.85
CA PHE C 3 23.47 -19.25 -27.02
C PHE C 3 23.19 -17.82 -26.64
N ALA C 4 23.60 -16.91 -27.49
CA ALA C 4 23.28 -15.46 -27.38
C ALA C 4 22.59 -15.04 -28.67
N SER C 5 21.97 -13.88 -28.59
CA SER C 5 21.28 -13.26 -29.72
CA SER C 5 21.31 -13.32 -29.77
C SER C 5 22.09 -12.02 -30.07
N LEU C 6 22.41 -11.84 -31.34
CA LEU C 6 23.16 -10.69 -31.80
C LEU C 6 22.25 -9.90 -32.76
N VAL C 7 22.03 -8.66 -32.44
CA VAL C 7 21.24 -7.76 -33.30
C VAL C 7 22.17 -7.17 -34.32
N ILE C 8 21.83 -7.37 -35.58
CA ILE C 8 22.66 -6.83 -36.64
CA ILE C 8 22.66 -6.94 -36.72
C ILE C 8 21.79 -6.09 -37.65
N PRO C 9 22.33 -4.97 -38.15
CA PRO C 9 21.56 -4.29 -39.21
C PRO C 9 21.51 -5.15 -40.45
N VAL C 10 20.35 -5.23 -41.11
CA VAL C 10 20.22 -6.10 -42.25
C VAL C 10 21.13 -5.59 -43.38
N SER C 11 21.40 -4.28 -43.40
CA SER C 11 22.31 -3.73 -44.38
C SER C 11 23.68 -4.41 -44.32
N ALA C 12 24.09 -4.89 -43.13
CA ALA C 12 25.35 -5.64 -42.99
C ALA C 12 25.26 -7.00 -43.71
N GLN C 13 24.11 -7.65 -43.62
CA GLN C 13 23.86 -8.90 -44.32
C GLN C 13 23.79 -8.71 -45.85
N ALA C 14 23.43 -7.50 -46.31
CA ALA C 14 23.16 -7.24 -47.74
C ALA C 14 24.39 -7.31 -48.60
N ASN C 15 25.54 -6.98 -48.02
CA ASN C 15 26.80 -6.89 -48.77
C ASN C 15 27.63 -8.12 -48.54
N SER C 16 26.98 -9.20 -48.14
CA SER C 16 27.65 -10.47 -47.93
C SER C 16 27.92 -11.21 -49.24
N GLY C 17 27.24 -10.81 -50.32
CA GLY C 17 27.27 -11.59 -51.56
C GLY C 17 26.29 -12.76 -51.61
N GLU C 18 25.58 -13.00 -50.51
CA GLU C 18 24.64 -14.13 -50.40
C GLU C 18 23.14 -13.70 -50.51
N PRO C 20 19.75 -12.22 -52.03
CA PRO C 20 19.19 -11.89 -53.36
C PRO C 20 19.12 -10.38 -53.61
N GLN C 21 19.32 -9.95 -54.86
CA GLN C 21 19.31 -8.53 -55.17
C GLN C 21 17.95 -7.89 -54.85
N GLU C 22 16.87 -8.65 -55.00
CA GLU C 22 15.53 -8.14 -54.69
C GLU C 22 15.42 -7.78 -53.20
N GLN C 23 15.91 -8.66 -52.33
CA GLN C 23 15.98 -8.38 -50.91
C GLN C 23 16.90 -7.18 -50.58
N GLN C 24 18.03 -7.08 -51.27
CA GLN C 24 18.92 -5.92 -51.03
C GLN C 24 18.21 -4.58 -51.33
N LEU C 25 17.46 -4.53 -52.41
CA LEU C 25 16.75 -3.28 -52.73
C LEU C 25 15.70 -3.01 -51.67
N ALA C 26 15.00 -4.05 -51.22
CA ALA C 26 14.02 -3.91 -50.13
C ALA C 26 14.63 -3.30 -48.87
N VAL C 27 15.82 -3.75 -48.52
CA VAL C 27 16.56 -3.22 -47.35
C VAL C 27 16.83 -1.72 -47.50
N LYS C 28 17.29 -1.29 -48.68
CA LYS C 28 17.54 0.14 -48.92
C LYS C 28 16.28 0.95 -48.74
N TYR C 29 15.17 0.48 -49.30
CA TYR C 29 13.91 1.16 -49.16
C TYR C 29 13.46 1.23 -47.71
N ASP C 31 15.16 0.95 -44.89
CA ASP C 31 16.03 1.81 -44.10
C ASP C 31 15.68 3.29 -44.38
N ALA C 32 15.47 3.67 -45.64
CA ALA C 32 15.03 5.04 -45.93
C ALA C 32 13.68 5.33 -45.26
N LEU C 33 12.72 4.44 -45.34
CA LEU C 33 11.42 4.66 -44.77
C LEU C 33 11.52 4.87 -43.25
N THR C 34 12.21 3.98 -42.57
CA THR C 34 12.23 4.00 -41.12
C THR C 34 13.08 5.12 -40.53
N GLU C 35 14.00 5.68 -41.33
CA GLU C 35 14.80 6.86 -40.93
C GLU C 35 14.12 8.16 -41.40
N HIS C 36 12.94 8.07 -42.02
CA HIS C 36 12.26 9.28 -42.55
C HIS C 36 13.08 10.06 -43.57
N ASP C 37 13.87 9.34 -44.37
CA ASP C 37 14.70 9.92 -45.41
C ASP C 37 13.85 10.00 -46.67
N TYR C 38 13.00 11.02 -46.73
CA TYR C 38 12.03 11.16 -47.84
CA TYR C 38 12.04 11.07 -47.83
C TYR C 38 12.69 11.50 -49.16
N LYS C 39 13.83 12.19 -49.09
CA LYS C 39 14.60 12.50 -50.30
C LYS C 39 15.01 11.20 -50.99
N THR C 40 15.46 10.22 -50.22
CA THR C 40 15.83 8.92 -50.80
C THR C 40 14.58 8.13 -51.14
N LEU C 41 13.60 8.15 -50.24
CA LEU C 41 12.42 7.35 -50.45
C LEU C 41 11.67 7.63 -51.73
N ILE C 42 11.51 8.90 -52.07
CA ILE C 42 10.73 9.27 -53.25
C ILE C 42 11.38 8.69 -54.52
N THR C 43 12.70 8.47 -54.52
CA THR C 43 13.36 7.86 -55.67
C THR C 43 12.89 6.44 -55.98
N PHE C 44 12.30 5.77 -54.99
CA PHE C 44 11.70 4.46 -55.21
C PHE C 44 10.25 4.47 -55.77
N TYR C 45 9.65 5.64 -55.97
CA TYR C 45 8.26 5.69 -56.38
C TYR C 45 8.13 6.41 -57.73
N ASN C 46 7.06 6.09 -58.43
CA ASN C 46 6.61 6.91 -59.55
C ASN C 46 5.11 7.17 -59.38
N ARG C 47 4.48 7.74 -60.40
CA ARG C 47 3.07 8.14 -60.33
CA ARG C 47 3.08 8.14 -60.26
C ARG C 47 2.12 6.96 -60.13
N ASP C 48 2.60 5.76 -60.40
CA ASP C 48 1.78 4.55 -60.28
C ASP C 48 2.02 3.70 -59.04
N SER C 49 3.00 4.08 -58.23
CA SER C 49 3.33 3.29 -57.03
C SER C 49 2.16 3.31 -56.08
N ILE C 50 1.94 2.19 -55.40
CA ILE C 50 0.85 1.98 -54.45
C ILE C 50 1.43 1.75 -53.05
N PHE C 51 0.89 2.46 -52.06
CA PHE C 51 1.08 2.14 -50.65
C PHE C 51 -0.28 1.72 -50.11
N PHE C 52 -0.44 0.46 -49.70
CA PHE C 52 -1.71 -0.03 -49.26
C PHE C 52 -1.56 -0.62 -47.87
N ASP C 53 -2.08 0.07 -46.87
CA ASP C 53 -2.28 -0.54 -45.55
C ASP C 53 -3.60 -1.25 -45.59
N LYS C 54 -3.56 -2.56 -45.79
CA LYS C 54 -4.78 -3.34 -45.98
CA LYS C 54 -4.79 -3.30 -45.99
C LYS C 54 -5.53 -3.45 -44.68
N THR C 55 -4.79 -3.50 -43.58
CA THR C 55 -5.40 -3.56 -42.27
C THR C 55 -6.15 -2.28 -41.91
N ALA C 56 -5.69 -1.14 -42.42
CA ALA C 56 -6.35 0.18 -42.19
C ALA C 56 -7.33 0.51 -43.33
N ASN C 57 -7.35 -0.32 -44.36
CA ASN C 57 -8.07 -0.09 -45.62
C ASN C 57 -7.81 1.29 -46.19
N ARG C 58 -6.52 1.62 -46.34
CA ARG C 58 -6.07 2.91 -46.91
CA ARG C 58 -6.13 2.87 -46.97
C ARG C 58 -5.09 2.57 -48.03
N LYS C 59 -5.46 2.87 -49.26
CA LYS C 59 -4.61 2.67 -50.40
C LYS C 59 -4.30 4.04 -51.06
N TYR C 60 -3.02 4.42 -51.06
CA TYR C 60 -2.54 5.65 -51.71
C TYR C 60 -1.90 5.26 -53.03
N THR C 61 -2.18 6.02 -54.08
CA THR C 61 -1.54 5.80 -55.36
C THR C 61 -0.82 7.05 -55.81
N GLY C 62 0.46 6.92 -56.12
CA GLY C 62 1.29 8.02 -56.62
C GLY C 62 2.31 8.44 -55.59
N GLY C 63 3.58 8.41 -55.99
CA GLY C 63 4.68 8.73 -55.06
C GLY C 63 4.51 10.03 -54.28
N ARG C 64 4.07 11.11 -54.94
CA ARG C 64 3.94 12.37 -54.23
C ARG C 64 2.86 12.32 -53.16
N PHE C 65 1.78 11.61 -53.44
CA PHE C 65 0.71 11.46 -52.45
C PHE C 65 1.19 10.59 -51.31
N ILE C 66 1.96 9.55 -51.62
CA ILE C 66 2.48 8.66 -50.58
C ILE C 66 3.41 9.45 -49.64
N ILE C 67 4.33 10.19 -50.22
CA ILE C 67 5.30 10.95 -49.43
C ILE C 67 4.61 11.94 -48.53
N ASP C 68 3.64 12.68 -49.07
CA ASP C 68 2.95 13.64 -48.22
C ASP C 68 2.25 12.97 -47.03
N PHE C 69 1.57 11.85 -47.28
CA PHE C 69 0.88 11.10 -46.22
C PHE C 69 1.90 10.65 -45.15
N LEU C 70 3.02 10.12 -45.60
CA LEU C 70 4.05 9.60 -44.69
C LEU C 70 4.62 10.73 -43.86
N GLU C 71 4.96 11.85 -44.50
CA GLU C 71 5.63 12.95 -43.79
C GLU C 71 4.69 13.50 -42.73
N ARG C 72 3.42 13.64 -43.07
CA ARG C 72 2.42 14.11 -42.11
C ARG C 72 2.15 13.12 -40.98
N ALA C 73 2.06 11.83 -41.30
CA ALA C 73 1.76 10.80 -40.31
C ALA C 73 2.88 10.75 -39.24
N HIS C 74 4.09 11.03 -39.69
CA HIS C 74 5.29 10.93 -38.83
C HIS C 74 5.85 12.20 -38.25
N GLN C 75 5.11 13.30 -38.32
CA GLN C 75 5.52 14.52 -37.62
C GLN C 75 5.83 14.17 -36.16
N GLY C 76 7.08 14.47 -35.76
CA GLY C 76 7.51 14.29 -34.40
C GLY C 76 7.97 12.88 -34.05
N VAL C 77 7.85 11.95 -34.96
CA VAL C 77 8.24 10.56 -34.72
C VAL C 77 9.74 10.44 -34.99
N LEU C 78 10.47 9.87 -34.02
CA LEU C 78 11.89 9.56 -34.17
C LEU C 78 12.11 8.32 -35.05
N GLU C 79 13.34 8.09 -35.45
CA GLU C 79 13.64 6.89 -36.22
C GLU C 79 13.03 5.70 -35.49
N TYR C 80 12.42 4.82 -36.29
CA TYR C 80 11.86 3.58 -35.77
C TYR C 80 12.58 2.39 -36.43
N ASP C 81 12.39 1.22 -35.84
CA ASP C 81 13.05 0.03 -36.35
C ASP C 81 12.07 -1.00 -36.86
N PHE C 82 12.47 -1.69 -37.91
CA PHE C 82 11.74 -2.90 -38.32
C PHE C 82 12.65 -4.08 -37.98
N ASN C 83 12.26 -4.78 -36.95
CA ASN C 83 13.02 -5.92 -36.40
C ASN C 83 12.42 -7.18 -37.02
N ILE C 84 13.10 -7.69 -38.03
CA ILE C 84 12.51 -8.80 -38.78
C ILE C 84 12.84 -10.14 -38.15
N GLU C 85 11.83 -10.99 -38.21
CA GLU C 85 11.97 -12.42 -37.84
C GLU C 85 12.28 -13.26 -39.05
N HIS C 86 11.73 -12.88 -40.21
CA HIS C 86 12.00 -13.59 -41.40
CA HIS C 86 11.81 -13.67 -41.47
C HIS C 86 11.75 -12.72 -42.64
N TYR C 88 11.88 -13.24 -47.07
CA TYR C 88 12.02 -14.11 -48.21
C TYR C 88 11.48 -13.43 -49.44
N ASN C 89 11.73 -14.00 -50.61
CA ASN C 89 11.23 -13.45 -51.82
C ASN C 89 10.88 -14.49 -52.85
N ALA C 90 9.96 -14.12 -53.71
CA ALA C 90 9.55 -14.88 -54.87
C ALA C 90 9.74 -13.95 -56.02
N GLY C 91 10.86 -14.09 -56.72
CA GLY C 91 11.26 -13.08 -57.72
C GLY C 91 11.26 -11.71 -57.07
N SER C 92 10.54 -10.77 -57.72
CA SER C 92 10.54 -9.38 -57.30
CA SER C 92 10.52 -9.37 -57.30
C SER C 92 9.49 -9.07 -56.22
N LEU C 93 8.88 -10.10 -55.63
CA LEU C 93 8.01 -9.92 -54.47
C LEU C 93 8.76 -10.29 -53.20
N VAL C 94 9.02 -9.32 -52.34
CA VAL C 94 9.73 -9.50 -51.10
C VAL C 94 8.73 -9.46 -49.93
N VAL C 95 8.83 -10.43 -49.02
CA VAL C 95 7.94 -10.57 -47.87
C VAL C 95 8.80 -10.48 -46.61
N ILE C 97 8.41 -10.38 -42.28
CA ILE C 97 7.63 -10.63 -41.09
C ILE C 97 8.45 -10.14 -39.92
N GLY C 98 7.85 -9.31 -39.09
CA GLY C 98 8.58 -8.77 -37.95
C GLY C 98 7.75 -7.87 -37.08
N ASN C 99 8.44 -7.03 -36.32
CA ASN C 99 7.82 -6.07 -35.44
C ASN C 99 8.39 -4.67 -35.70
N TYR C 100 7.50 -3.66 -35.77
CA TYR C 100 7.95 -2.27 -35.87
C TYR C 100 8.04 -1.71 -34.45
N HIS C 101 9.22 -1.25 -34.09
CA HIS C 101 9.55 -0.72 -32.75
C HIS C 101 9.68 0.79 -32.84
N PHE C 102 8.76 1.47 -32.16
CA PHE C 102 8.75 2.92 -32.03
C PHE C 102 9.03 3.28 -30.58
N LYS C 103 9.94 4.22 -30.38
CA LYS C 103 10.21 4.80 -29.06
C LYS C 103 10.39 6.30 -29.20
N GLY C 104 9.66 7.06 -28.41
CA GLY C 104 9.76 8.52 -28.49
C GLY C 104 8.50 9.24 -28.11
N PRO C 105 8.45 10.55 -28.42
CA PRO C 105 7.28 11.33 -28.07
C PRO C 105 6.00 10.69 -28.59
N GLY C 106 4.97 10.73 -27.76
CA GLY C 106 3.76 9.95 -28.02
C GLY C 106 2.61 10.66 -28.69
N GLU C 107 2.80 11.90 -29.13
CA GLU C 107 1.68 12.64 -29.76
C GLU C 107 0.94 11.89 -30.86
N GLN C 108 1.64 11.26 -31.79
CA GLN C 108 0.97 10.59 -32.89
CA GLN C 108 1.00 10.55 -32.90
C GLN C 108 0.31 9.27 -32.45
N PHE C 109 0.60 8.81 -31.23
CA PHE C 109 0.03 7.59 -30.67
C PHE C 109 -1.06 7.88 -29.65
N GLY C 110 -1.54 9.14 -29.60
CA GLY C 110 -2.58 9.52 -28.65
C GLY C 110 -2.09 9.71 -27.23
N LYS C 111 -0.79 9.96 -27.07
CA LYS C 111 -0.16 10.11 -25.76
C LYS C 111 0.68 11.38 -25.73
N PRO C 112 0.02 12.53 -25.90
CA PRO C 112 0.76 13.79 -25.90
C PRO C 112 1.48 14.05 -24.59
N GLY C 113 2.70 14.58 -24.70
CA GLY C 113 3.51 14.93 -23.53
C GLY C 113 4.19 13.76 -22.85
N LYS C 114 4.04 12.56 -23.41
CA LYS C 114 4.64 11.35 -22.88
C LYS C 114 5.60 10.76 -23.89
N ILE C 115 6.48 9.90 -23.39
CA ILE C 115 7.33 9.04 -24.21
C ILE C 115 6.68 7.64 -24.23
N ILE C 116 6.50 7.10 -25.43
CA ILE C 116 5.93 5.76 -25.63
C ILE C 116 7.00 4.80 -26.14
N ASP C 117 6.72 3.52 -25.96
CA ASP C 117 7.58 2.46 -26.47
C ASP C 117 6.66 1.32 -26.87
N VAL C 118 6.54 1.04 -28.16
CA VAL C 118 5.62 -0.01 -28.69
C VAL C 118 6.37 -0.88 -29.67
N ALA C 119 5.98 -2.17 -29.71
CA ALA C 119 6.56 -3.13 -30.64
C ALA C 119 5.38 -3.83 -31.33
N ILE C 120 5.18 -3.52 -32.61
CA ILE C 120 3.96 -3.82 -33.31
C ILE C 120 4.19 -4.93 -34.35
N PRO C 121 3.56 -6.10 -34.14
CA PRO C 121 3.69 -7.16 -35.17
C PRO C 121 3.17 -6.73 -36.52
N ALA C 122 3.84 -7.19 -37.57
CA ALA C 122 3.48 -6.80 -38.92
C ALA C 122 4.02 -7.71 -39.95
N VAL C 123 3.36 -7.71 -41.09
CA VAL C 123 3.90 -8.27 -42.31
C VAL C 123 3.86 -7.16 -43.34
N THR C 124 4.98 -6.99 -44.02
CA THR C 124 5.13 -5.98 -45.08
C THR C 124 5.63 -6.67 -46.31
N SER C 125 4.94 -6.48 -47.45
CA SER C 125 5.44 -7.01 -48.71
C SER C 125 5.73 -5.86 -49.67
N LEU C 126 6.76 -6.02 -50.49
CA LEU C 126 7.09 -5.08 -51.54
C LEU C 126 7.19 -5.78 -52.87
N LYS C 127 6.46 -5.25 -53.86
CA LYS C 127 6.61 -5.70 -55.24
CA LYS C 127 6.63 -5.71 -55.25
C LYS C 127 7.51 -4.70 -55.93
N LEU C 128 8.64 -5.16 -56.47
CA LEU C 128 9.69 -4.33 -57.02
C LEU C 128 9.75 -4.40 -58.54
N ASP C 129 10.12 -3.26 -59.13
CA ASP C 129 10.50 -3.18 -60.52
C ASP C 129 12.03 -3.05 -60.48
N LEU C 131 14.37 -3.31 -62.83
CA LEU C 131 15.04 -2.49 -63.88
C LEU C 131 15.07 -1.02 -63.48
N ASN C 132 13.94 -0.51 -62.97
CA ASN C 132 13.86 0.89 -62.59
C ASN C 132 14.13 1.17 -61.12
N ARG C 133 14.48 0.13 -60.36
CA ARG C 133 14.73 0.19 -58.90
CA ARG C 133 14.79 0.31 -58.94
C ARG C 133 13.62 0.97 -58.19
N ARG C 134 12.41 0.50 -58.45
CA ARG C 134 11.15 1.10 -58.01
CA ARG C 134 11.25 1.12 -57.83
C ARG C 134 10.34 0.12 -57.13
N VAL C 135 9.62 0.64 -56.15
CA VAL C 135 8.60 -0.12 -55.46
C VAL C 135 7.30 0.17 -56.18
N THR C 136 6.71 -0.85 -56.78
CA THR C 136 5.41 -0.72 -57.44
C THR C 136 4.24 -0.87 -56.48
N GLU C 137 4.39 -1.70 -55.44
CA GLU C 137 3.35 -1.91 -54.44
C GLU C 137 3.95 -2.27 -53.10
N HIS C 138 3.68 -1.45 -52.10
CA HIS C 138 4.00 -1.70 -50.71
C HIS C 138 2.69 -2.04 -50.01
N VAL C 139 2.59 -3.28 -49.49
CA VAL C 139 1.41 -3.69 -48.71
C VAL C 139 1.78 -3.92 -47.25
N ASP C 140 1.09 -3.26 -46.34
CA ASP C 140 1.27 -3.44 -44.90
C ASP C 140 0.06 -4.16 -44.32
N LEU C 141 0.37 -5.14 -43.45
CA LEU C 141 -0.62 -5.83 -42.60
C LEU C 141 -0.15 -5.63 -41.15
N ILE C 142 -0.70 -4.60 -40.51
CA ILE C 142 -0.24 -4.20 -39.18
C ILE C 142 -1.19 -4.68 -38.09
N ASP C 143 -0.61 -5.22 -36.99
CA ASP C 143 -1.41 -5.70 -35.83
C ASP C 143 -1.73 -4.53 -34.90
N TYR C 144 -2.71 -3.75 -35.31
CA TYR C 144 -3.11 -2.53 -34.55
C TYR C 144 -3.67 -2.86 -33.17
N GLN C 145 -4.36 -3.99 -33.02
CA GLN C 145 -4.87 -4.32 -31.68
C GLN C 145 -3.74 -4.54 -30.66
N THR C 146 -2.64 -5.19 -31.06
CA THR C 146 -1.50 -5.41 -30.16
C THR C 146 -0.91 -4.02 -29.82
N SER C 148 -2.57 -1.20 -29.67
CA SER C 148 -3.50 -0.56 -28.75
CA SER C 148 -3.53 -0.58 -28.77
C SER C 148 -3.36 -1.15 -27.36
N ASP C 149 -3.14 -2.45 -27.27
CA ASP C 149 -3.00 -3.11 -25.96
C ASP C 149 -1.79 -2.58 -25.18
N GLN C 150 -0.68 -2.37 -25.88
CA GLN C 150 0.53 -1.81 -25.30
C GLN C 150 0.30 -0.34 -24.90
N LEU C 151 -0.36 0.44 -25.75
CA LEU C 151 -0.62 1.84 -25.48
C LEU C 151 -1.54 2.02 -24.27
N ALA C 152 -2.48 1.11 -24.07
CA ALA C 152 -3.39 1.17 -22.91
C ALA C 152 -2.61 1.15 -21.60
N GLN C 154 0.21 2.77 -21.12
CA GLN C 154 1.14 3.91 -21.15
C GLN C 154 0.40 5.21 -21.12
N GLU D 18 -12.73 -15.28 -25.66
CA GLU D 18 -12.14 -13.94 -25.89
C GLU D 18 -11.79 -13.74 -27.38
N PRO D 20 -11.83 -13.01 -31.16
CA PRO D 20 -12.77 -12.37 -32.08
C PRO D 20 -13.45 -13.36 -32.98
N GLN D 21 -14.73 -13.12 -33.27
CA GLN D 21 -15.52 -14.01 -34.13
C GLN D 21 -14.86 -14.27 -35.49
N GLU D 22 -14.24 -13.22 -36.04
CA GLU D 22 -13.54 -13.35 -37.32
C GLU D 22 -12.38 -14.35 -37.27
N GLN D 23 -11.60 -14.31 -36.20
CA GLN D 23 -10.53 -15.25 -36.00
C GLN D 23 -11.09 -16.66 -35.79
N GLN D 24 -12.19 -16.79 -35.04
CA GLN D 24 -12.81 -18.10 -34.82
C GLN D 24 -13.21 -18.73 -36.15
N LEU D 25 -13.80 -17.93 -37.04
CA LEU D 25 -14.22 -18.44 -38.33
C LEU D 25 -13.02 -18.81 -39.18
N ALA D 26 -11.96 -18.00 -39.12
CA ALA D 26 -10.74 -18.28 -39.88
C ALA D 26 -10.14 -19.64 -39.47
N VAL D 27 -10.13 -19.91 -38.15
CA VAL D 27 -9.65 -21.22 -37.62
C VAL D 27 -10.53 -22.38 -38.12
N LYS D 28 -11.86 -22.21 -38.11
CA LYS D 28 -12.74 -23.25 -38.66
C LYS D 28 -12.47 -23.55 -40.12
N TYR D 29 -12.26 -22.50 -40.93
CA TYR D 29 -11.90 -22.62 -42.31
C TYR D 29 -10.59 -23.37 -42.48
N ASP D 31 -8.96 -25.30 -40.46
CA ASP D 31 -9.08 -26.69 -39.98
C ASP D 31 -9.76 -27.51 -41.09
N ALA D 32 -10.81 -26.99 -41.73
CA ALA D 32 -11.48 -27.78 -42.76
C ALA D 32 -10.53 -27.98 -43.94
N LEU D 33 -9.76 -26.93 -44.28
CA LEU D 33 -8.86 -26.97 -45.40
C LEU D 33 -7.74 -28.01 -45.15
N THR D 34 -7.09 -27.91 -44.01
CA THR D 34 -5.94 -28.76 -43.70
C THR D 34 -6.37 -30.20 -43.44
N GLU D 35 -7.63 -30.44 -43.08
CA GLU D 35 -8.16 -31.80 -42.91
CA GLU D 35 -8.07 -31.84 -42.93
C GLU D 35 -8.69 -32.38 -44.21
N HIS D 36 -8.87 -31.52 -45.22
CA HIS D 36 -9.55 -31.81 -46.47
CA HIS D 36 -9.58 -31.91 -46.47
C HIS D 36 -10.99 -32.31 -46.19
N ASP D 37 -11.62 -31.61 -45.26
CA ASP D 37 -13.04 -31.79 -44.97
C ASP D 37 -13.83 -30.93 -45.97
N TYR D 38 -14.02 -31.49 -47.17
CA TYR D 38 -14.52 -30.71 -48.31
C TYR D 38 -16.00 -30.38 -48.14
N LYS D 39 -16.74 -31.21 -47.42
CA LYS D 39 -18.16 -30.90 -47.13
C LYS D 39 -18.29 -29.60 -46.32
N THR D 40 -17.43 -29.41 -45.33
CA THR D 40 -17.37 -28.18 -44.59
C THR D 40 -16.72 -27.07 -45.44
N LEU D 41 -15.62 -27.39 -46.09
CA LEU D 41 -14.86 -26.35 -46.80
C LEU D 41 -15.70 -25.67 -47.88
N ILE D 42 -16.51 -26.43 -48.60
CA ILE D 42 -17.28 -25.90 -49.72
C ILE D 42 -18.28 -24.84 -49.22
N THR D 43 -18.73 -24.94 -47.98
CA THR D 43 -19.66 -23.96 -47.44
C THR D 43 -19.03 -22.57 -47.31
N PHE D 44 -17.70 -22.51 -47.37
CA PHE D 44 -16.98 -21.25 -47.29
C PHE D 44 -16.75 -20.58 -48.64
N TYR D 45 -17.09 -21.26 -49.74
CA TYR D 45 -16.79 -20.72 -51.06
C TYR D 45 -18.05 -20.52 -51.89
N ASN D 46 -18.05 -19.49 -52.75
CA ASN D 46 -18.95 -19.49 -53.89
C ASN D 46 -18.09 -19.38 -55.16
N ARG D 47 -18.71 -19.19 -56.32
CA ARG D 47 -17.91 -19.21 -57.55
CA ARG D 47 -17.96 -19.16 -57.58
C ARG D 47 -16.97 -18.01 -57.69
N ASP D 48 -17.17 -16.98 -56.87
CA ASP D 48 -16.32 -15.80 -56.88
C ASP D 48 -15.17 -15.85 -55.88
N SER D 49 -15.15 -16.85 -54.98
CA SER D 49 -14.08 -16.93 -53.95
C SER D 49 -12.72 -17.13 -54.61
N ILE D 50 -11.75 -16.31 -54.22
CA ILE D 50 -10.44 -16.33 -54.87
C ILE D 50 -9.39 -16.92 -53.95
N PHE D 51 -8.67 -17.96 -54.41
CA PHE D 51 -7.46 -18.45 -53.75
C PHE D 51 -6.28 -18.00 -54.58
N PHE D 52 -5.40 -17.21 -53.97
CA PHE D 52 -4.25 -16.69 -54.69
C PHE D 52 -2.97 -16.96 -53.91
N ASP D 53 -2.13 -17.83 -54.45
CA ASP D 53 -0.78 -18.00 -53.92
C ASP D 53 0.07 -16.98 -54.68
N LYS D 54 0.26 -15.81 -54.05
CA LYS D 54 0.95 -14.69 -54.68
CA LYS D 54 0.92 -14.67 -54.67
C LYS D 54 2.40 -14.98 -54.95
N THR D 55 3.03 -15.77 -54.05
CA THR D 55 4.40 -16.21 -54.21
C THR D 55 4.58 -17.19 -55.37
N ALA D 56 3.57 -18.03 -55.65
CA ALA D 56 3.65 -19.00 -56.78
C ALA D 56 3.04 -18.37 -58.01
N ASN D 57 2.41 -17.21 -57.86
CA ASN D 57 1.60 -16.58 -58.89
C ASN D 57 0.59 -17.57 -59.49
N ARG D 58 -0.11 -18.30 -58.60
CA ARG D 58 -1.14 -19.23 -59.02
CA ARG D 58 -1.13 -19.31 -58.95
C ARG D 58 -2.47 -18.84 -58.38
N LYS D 59 -3.51 -18.74 -59.21
CA LYS D 59 -4.82 -18.35 -58.79
C LYS D 59 -5.86 -19.39 -59.17
N TYR D 60 -6.79 -19.69 -58.25
CA TYR D 60 -7.97 -20.55 -58.48
C TYR D 60 -9.18 -19.81 -57.95
N THR D 61 -10.26 -19.80 -58.73
CA THR D 61 -11.45 -19.05 -58.36
C THR D 61 -12.68 -19.92 -58.41
N GLY D 62 -13.37 -19.99 -57.27
CA GLY D 62 -14.55 -20.79 -57.12
C GLY D 62 -14.25 -22.09 -56.40
N GLY D 63 -15.16 -22.52 -55.54
CA GLY D 63 -15.00 -23.77 -54.77
C GLY D 63 -14.58 -24.99 -55.57
N ARG D 64 -15.25 -25.25 -56.69
CA ARG D 64 -14.93 -26.38 -57.47
C ARG D 64 -13.44 -26.42 -57.85
N PHE D 65 -12.92 -25.27 -58.28
CA PHE D 65 -11.54 -25.20 -58.81
C PHE D 65 -10.49 -25.14 -57.69
N ILE D 66 -10.87 -24.56 -56.56
CA ILE D 66 -9.99 -24.55 -55.36
C ILE D 66 -9.86 -25.99 -54.85
N ILE D 67 -10.98 -26.72 -54.75
CA ILE D 67 -10.91 -28.12 -54.21
C ILE D 67 -10.16 -29.00 -55.21
N ASP D 68 -10.38 -28.83 -56.52
CA ASP D 68 -9.62 -29.55 -57.50
CA ASP D 68 -9.60 -29.56 -57.52
C ASP D 68 -8.10 -29.33 -57.33
N PHE D 69 -7.71 -28.07 -57.10
CA PHE D 69 -6.31 -27.75 -56.87
C PHE D 69 -5.74 -28.46 -55.61
N LEU D 70 -6.47 -28.40 -54.51
CA LEU D 70 -6.04 -29.07 -53.26
C LEU D 70 -5.86 -30.57 -53.51
N GLU D 71 -6.78 -31.19 -54.25
CA GLU D 71 -6.67 -32.63 -54.55
C GLU D 71 -5.39 -32.95 -55.32
N ARG D 72 -5.02 -32.12 -56.29
CA ARG D 72 -3.76 -32.28 -57.00
C ARG D 72 -2.55 -31.97 -56.17
N ALA D 73 -2.56 -30.81 -55.52
CA ALA D 73 -1.43 -30.35 -54.76
C ALA D 73 -1.07 -31.35 -53.65
N HIS D 74 -2.08 -31.93 -53.04
CA HIS D 74 -1.87 -32.74 -51.82
C HIS D 74 -2.12 -34.21 -52.07
N GLN D 75 -2.05 -34.68 -53.31
CA GLN D 75 -2.35 -36.08 -53.59
CA GLN D 75 -2.32 -36.07 -53.62
C GLN D 75 -1.48 -37.01 -52.73
N GLY D 76 -2.16 -37.95 -52.09
CA GLY D 76 -1.52 -39.02 -51.29
C GLY D 76 -0.90 -38.54 -49.98
N VAL D 77 -1.27 -37.33 -49.55
CA VAL D 77 -0.72 -36.73 -48.34
C VAL D 77 -0.80 -37.67 -47.11
N LEU D 78 0.29 -37.65 -46.35
CA LEU D 78 0.35 -38.34 -45.03
C LEU D 78 -0.02 -37.45 -43.86
N GLU D 79 0.46 -36.19 -43.89
CA GLU D 79 0.28 -35.23 -42.79
CA GLU D 79 0.21 -35.23 -42.81
C GLU D 79 0.26 -33.82 -43.35
N TYR D 80 -0.62 -32.98 -42.84
CA TYR D 80 -0.70 -31.57 -43.30
C TYR D 80 -1.24 -30.76 -42.16
N ASP D 81 -0.54 -29.70 -41.79
CA ASP D 81 -1.03 -28.78 -40.76
C ASP D 81 -0.53 -27.38 -41.05
N PHE D 82 -1.33 -26.40 -40.62
CA PHE D 82 -0.90 -24.99 -40.58
C PHE D 82 -0.75 -24.64 -39.11
N ASN D 83 0.49 -24.47 -38.67
CA ASN D 83 0.83 -24.13 -37.27
C ASN D 83 0.93 -22.61 -37.14
N ILE D 84 -0.08 -22.02 -36.52
CA ILE D 84 -0.19 -20.56 -36.41
C ILE D 84 0.71 -20.10 -35.28
N GLU D 85 1.66 -19.23 -35.60
CA GLU D 85 2.47 -18.60 -34.61
C GLU D 85 1.91 -17.30 -34.07
N HIS D 86 1.22 -16.53 -34.92
CA HIS D 86 0.60 -15.28 -34.51
C HIS D 86 -0.55 -14.99 -35.46
N TYR D 88 -3.92 -12.13 -36.05
CA TYR D 88 -4.62 -10.91 -35.73
C TYR D 88 -5.67 -10.61 -36.78
N ASN D 89 -6.52 -9.62 -36.51
CA ASN D 89 -7.55 -9.24 -37.47
C ASN D 89 -7.82 -7.75 -37.42
N ALA D 90 -8.19 -7.22 -38.57
CA ALA D 90 -8.73 -5.87 -38.70
C ALA D 90 -10.11 -6.05 -39.32
N GLY D 91 -11.15 -6.00 -38.50
CA GLY D 91 -12.46 -6.39 -38.98
C GLY D 91 -12.45 -7.78 -39.57
N SER D 92 -13.01 -7.89 -40.77
CA SER D 92 -13.14 -9.18 -41.46
CA SER D 92 -13.13 -9.19 -41.45
C SER D 92 -11.89 -9.63 -42.22
N LEU D 93 -10.78 -8.91 -42.09
CA LEU D 93 -9.51 -9.32 -42.64
C LEU D 93 -8.68 -9.96 -41.52
N VAL D 94 -8.41 -11.26 -41.67
CA VAL D 94 -7.66 -12.03 -40.69
C VAL D 94 -6.28 -12.37 -41.26
N VAL D 95 -5.23 -12.13 -40.47
CA VAL D 95 -3.86 -12.37 -40.89
C VAL D 95 -3.25 -13.46 -39.96
N ILE D 97 0.30 -15.68 -39.33
CA ILE D 97 1.71 -15.93 -39.56
C ILE D 97 2.04 -17.29 -38.97
N GLY D 98 2.65 -18.17 -39.75
CA GLY D 98 2.96 -19.50 -39.26
C GLY D 98 3.76 -20.32 -40.22
N ASN D 99 3.54 -21.64 -40.12
CA ASN D 99 4.37 -22.58 -40.83
C ASN D 99 3.47 -23.75 -41.29
N TYR D 100 3.55 -24.10 -42.57
CA TYR D 100 2.82 -25.22 -43.13
C TYR D 100 3.73 -26.46 -43.11
N HIS D 101 3.25 -27.49 -42.43
CA HIS D 101 3.95 -28.78 -42.40
C HIS D 101 3.24 -29.74 -43.36
N PHE D 102 3.96 -30.24 -44.34
CA PHE D 102 3.42 -31.19 -45.31
C PHE D 102 4.35 -32.39 -45.39
N LYS D 103 3.78 -33.58 -45.24
CA LYS D 103 4.48 -34.84 -45.48
C LYS D 103 3.64 -35.64 -46.48
N GLY D 104 4.26 -36.02 -47.58
CA GLY D 104 3.58 -36.71 -48.66
C GLY D 104 4.47 -37.11 -49.79
N PRO D 105 3.90 -37.75 -50.81
CA PRO D 105 4.66 -38.24 -51.95
C PRO D 105 5.44 -37.14 -52.61
N GLY D 106 6.64 -37.47 -53.06
CA GLY D 106 7.58 -36.45 -53.54
C GLY D 106 7.57 -36.18 -55.04
N GLU D 107 6.82 -36.99 -55.78
CA GLU D 107 6.90 -36.98 -57.25
C GLU D 107 6.81 -35.57 -57.80
N GLN D 108 5.78 -34.84 -57.38
CA GLN D 108 5.59 -33.49 -57.84
C GLN D 108 6.57 -32.45 -57.29
N PHE D 109 7.27 -32.77 -56.20
CA PHE D 109 8.29 -31.86 -55.64
C PHE D 109 9.66 -32.21 -56.24
N GLY D 110 9.68 -33.04 -57.28
CA GLY D 110 10.92 -33.50 -57.89
C GLY D 110 11.64 -34.62 -57.15
N LYS D 111 10.92 -35.37 -56.32
CA LYS D 111 11.54 -36.41 -55.50
C LYS D 111 10.76 -37.72 -55.64
N PRO D 112 10.74 -38.27 -56.86
CA PRO D 112 9.98 -39.50 -57.12
C PRO D 112 10.41 -40.66 -56.26
N GLY D 113 9.43 -41.47 -55.89
CA GLY D 113 9.67 -42.63 -55.08
C GLY D 113 9.97 -42.37 -53.62
N LYS D 114 9.87 -41.12 -53.20
CA LYS D 114 10.15 -40.77 -51.82
C LYS D 114 8.91 -40.16 -51.15
N ILE D 115 8.88 -40.21 -49.82
CA ILE D 115 8.00 -39.34 -49.04
C ILE D 115 8.84 -38.17 -48.58
N ILE D 116 8.43 -36.96 -48.93
CA ILE D 116 9.11 -35.76 -48.44
C ILE D 116 8.40 -35.16 -47.23
N ASP D 117 9.13 -34.31 -46.51
CA ASP D 117 8.65 -33.75 -45.25
C ASP D 117 9.20 -32.36 -45.15
N VAL D 118 8.29 -31.36 -45.25
CA VAL D 118 8.69 -29.95 -45.26
C VAL D 118 7.92 -29.13 -44.25
N ALA D 119 8.55 -28.07 -43.76
CA ALA D 119 7.94 -27.15 -42.83
C ALA D 119 8.24 -25.74 -43.29
N ILE D 120 7.24 -25.10 -43.86
CA ILE D 120 7.43 -23.95 -44.72
C ILE D 120 6.89 -22.67 -44.04
N PRO D 121 7.76 -21.68 -43.77
CA PRO D 121 7.26 -20.38 -43.28
C PRO D 121 6.24 -19.76 -44.24
N ALA D 122 5.24 -19.09 -43.67
CA ALA D 122 4.17 -18.55 -44.46
C ALA D 122 3.35 -17.49 -43.75
N VAL D 123 2.71 -16.64 -44.58
CA VAL D 123 1.65 -15.76 -44.13
C VAL D 123 0.41 -16.10 -44.96
N THR D 124 -0.73 -16.27 -44.31
CA THR D 124 -2.00 -16.49 -45.01
C THR D 124 -2.96 -15.41 -44.50
N SER D 125 -3.58 -14.66 -45.42
CA SER D 125 -4.61 -13.71 -45.05
C SER D 125 -5.93 -14.13 -45.68
N LEU D 126 -7.00 -13.94 -44.93
CA LEU D 126 -8.34 -14.20 -45.37
C LEU D 126 -9.23 -12.96 -45.24
N LYS D 127 -9.93 -12.64 -46.30
CA LYS D 127 -11.01 -11.68 -46.26
CA LYS D 127 -11.02 -11.68 -46.22
C LYS D 127 -12.34 -12.45 -46.15
N LEU D 128 -13.07 -12.21 -45.08
CA LEU D 128 -14.31 -12.92 -44.81
C LEU D 128 -15.56 -12.08 -45.05
N ASP D 129 -16.61 -12.76 -45.53
CA ASP D 129 -17.99 -12.26 -45.50
C ASP D 129 -18.66 -12.95 -44.31
N LEU D 131 -21.58 -12.37 -42.78
CA LEU D 131 -23.01 -12.70 -42.98
C LEU D 131 -23.17 -14.09 -43.59
N ASN D 132 -22.52 -14.30 -44.74
CA ASN D 132 -22.58 -15.59 -45.46
C ASN D 132 -21.58 -16.67 -45.00
N ARG D 133 -20.74 -16.34 -44.01
CA ARG D 133 -19.67 -17.24 -43.51
C ARG D 133 -18.87 -17.81 -44.68
N ARG D 134 -18.37 -16.86 -45.48
CA ARG D 134 -17.66 -17.16 -46.72
CA ARG D 134 -17.62 -17.19 -46.70
C ARG D 134 -16.27 -16.52 -46.70
N VAL D 135 -15.30 -17.20 -47.34
CA VAL D 135 -14.01 -16.64 -47.61
C VAL D 135 -14.08 -16.07 -49.02
N THR D 136 -13.95 -14.75 -49.15
CA THR D 136 -14.01 -14.11 -50.45
C THR D 136 -12.62 -14.03 -51.11
N GLU D 137 -11.56 -13.92 -50.28
CA GLU D 137 -10.18 -13.91 -50.77
CA GLU D 137 -10.16 -13.89 -50.76
C GLU D 137 -9.25 -14.59 -49.75
N HIS D 138 -8.48 -15.57 -50.23
CA HIS D 138 -7.50 -16.30 -49.44
C HIS D 138 -6.20 -16.02 -50.18
N VAL D 139 -5.28 -15.30 -49.52
CA VAL D 139 -4.00 -15.01 -50.13
C VAL D 139 -2.88 -15.65 -49.33
N ASP D 140 -2.06 -16.44 -50.02
CA ASP D 140 -0.88 -17.11 -49.46
C ASP D 140 0.42 -16.45 -49.90
N LEU D 141 1.32 -16.21 -48.93
CA LEU D 141 2.67 -15.80 -49.16
C LEU D 141 3.58 -16.87 -48.53
N ILE D 142 4.07 -17.77 -49.37
CA ILE D 142 4.77 -18.97 -48.94
C ILE D 142 6.25 -18.87 -49.23
N ASP D 143 7.08 -19.28 -48.28
CA ASP D 143 8.53 -19.22 -48.45
C ASP D 143 9.05 -20.48 -49.17
N TYR D 144 8.90 -20.49 -50.49
CA TYR D 144 9.29 -21.63 -51.30
C TYR D 144 10.80 -21.88 -51.33
N GLN D 145 11.63 -20.85 -51.18
CA GLN D 145 13.09 -21.08 -51.12
C GLN D 145 13.46 -21.95 -49.90
N THR D 146 12.83 -21.71 -48.76
CA THR D 146 13.09 -22.55 -47.58
C THR D 146 12.66 -23.97 -47.87
N SER D 148 12.60 -25.43 -50.76
CA SER D 148 13.62 -25.96 -51.64
CA SER D 148 13.64 -25.94 -51.66
C SER D 148 14.90 -26.37 -50.91
N ASP D 149 15.31 -25.55 -49.92
CA ASP D 149 16.48 -25.85 -49.09
C ASP D 149 16.29 -27.17 -48.34
N GLN D 150 15.08 -27.39 -47.82
CA GLN D 150 14.77 -28.65 -47.13
C GLN D 150 14.77 -29.82 -48.08
N LEU D 151 14.17 -29.65 -49.25
CA LEU D 151 14.09 -30.72 -50.24
C LEU D 151 15.48 -31.14 -50.75
N ALA D 152 16.42 -30.20 -50.78
CA ALA D 152 17.77 -30.51 -51.23
C ALA D 152 18.48 -31.51 -50.31
N GLN D 154 16.86 -34.08 -49.00
CA GLN D 154 16.02 -35.28 -49.06
C GLN D 154 16.10 -36.00 -50.41
N GLY E 1 -11.12 4.69 11.23
CA GLY E 1 -9.71 4.46 11.59
C GLY E 1 -9.54 4.11 13.04
N PHE E 3 -7.34 5.00 16.41
CA PHE E 3 -6.56 6.08 16.97
C PHE E 3 -6.29 5.90 18.43
N ALA E 4 -5.17 6.48 18.88
CA ALA E 4 -4.79 6.57 20.28
C ALA E 4 -4.53 7.99 20.65
N SER E 5 -4.41 8.23 21.94
CA SER E 5 -4.16 9.53 22.52
CA SER E 5 -4.14 9.56 22.47
C SER E 5 -2.79 9.46 23.20
N LEU E 6 -1.95 10.45 22.94
CA LEU E 6 -0.63 10.55 23.55
CA LEU E 6 -0.65 10.51 23.59
C LEU E 6 -0.60 11.78 24.43
N VAL E 7 -0.30 11.61 25.69
CA VAL E 7 -0.12 12.76 26.60
C VAL E 7 1.32 13.25 26.47
N ILE E 8 1.48 14.54 26.22
CA ILE E 8 2.78 15.16 25.92
CA ILE E 8 2.82 15.10 26.07
C ILE E 8 2.94 16.40 26.84
N PRO E 9 4.12 16.60 27.45
CA PRO E 9 4.30 17.90 28.10
C PRO E 9 4.31 19.05 27.09
N VAL E 10 3.64 20.14 27.41
CA VAL E 10 3.61 21.26 26.48
C VAL E 10 5.01 21.89 26.31
N SER E 11 5.87 21.75 27.32
CA SER E 11 7.28 22.15 27.17
C SER E 11 7.98 21.44 25.99
N ALA E 12 7.54 20.24 25.61
CA ALA E 12 8.15 19.51 24.48
C ALA E 12 7.67 20.16 23.19
N GLN E 13 6.43 20.64 23.18
CA GLN E 13 5.87 21.34 22.01
C GLN E 13 6.49 22.72 21.81
N ALA E 14 6.99 23.32 22.91
CA ALA E 14 7.63 24.62 22.86
C ALA E 14 8.91 24.57 22.02
N ASN E 15 9.51 23.38 21.91
CA ASN E 15 10.70 23.16 21.05
C ASN E 15 10.42 22.81 19.59
N SER E 16 9.15 22.82 19.18
CA SER E 16 8.80 22.52 17.78
C SER E 16 9.36 23.52 16.77
N GLY E 17 9.69 24.73 17.24
CA GLY E 17 10.00 25.86 16.36
C GLY E 17 8.77 26.57 15.80
N GLU E 18 7.57 26.07 16.10
CA GLU E 18 6.32 26.64 15.59
C GLU E 18 5.44 27.30 16.65
N PRO E 20 4.21 30.12 19.13
CA PRO E 20 4.47 31.54 19.37
C PRO E 20 5.25 31.81 20.63
N GLN E 21 6.11 32.82 20.58
CA GLN E 21 6.94 33.19 21.72
C GLN E 21 6.09 33.46 22.98
N GLU E 22 4.92 34.09 22.78
CA GLU E 22 4.01 34.42 23.88
C GLU E 22 3.51 33.16 24.59
N GLN E 23 3.15 32.16 23.81
CA GLN E 23 2.74 30.87 24.33
C GLN E 23 3.89 30.17 25.07
N GLN E 24 5.11 30.25 24.52
CA GLN E 24 6.27 29.65 25.17
C GLN E 24 6.50 30.24 26.55
N LEU E 25 6.33 31.54 26.69
CA LEU E 25 6.54 32.19 28.00
C LEU E 25 5.43 31.71 28.98
N ALA E 26 4.18 31.62 28.49
CA ALA E 26 3.05 31.14 29.28
C ALA E 26 3.31 29.73 29.79
N VAL E 27 3.90 28.86 28.95
CA VAL E 27 4.19 27.51 29.39
C VAL E 27 5.20 27.49 30.55
N LYS E 28 6.25 28.29 30.44
CA LYS E 28 7.26 28.36 31.52
C LYS E 28 6.59 28.81 32.84
N TYR E 29 5.71 29.81 32.77
CA TYR E 29 4.98 30.27 33.94
C TYR E 29 4.09 29.21 34.54
N ASP E 31 4.23 25.92 34.18
CA ASP E 31 5.04 24.82 34.73
C ASP E 31 5.57 25.23 36.13
N ALA E 32 6.03 26.45 36.28
CA ALA E 32 6.48 26.91 37.62
C ALA E 32 5.31 26.91 38.61
N LEU E 33 4.18 27.48 38.22
CA LEU E 33 3.01 27.55 39.06
C LEU E 33 2.57 26.17 39.55
N THR E 34 2.40 25.23 38.62
CA THR E 34 1.83 23.94 38.95
C THR E 34 2.79 23.03 39.73
N GLU E 35 4.10 23.32 39.67
CA GLU E 35 5.05 22.57 40.52
CA GLU E 35 5.18 22.65 40.43
C GLU E 35 5.43 23.34 41.78
N HIS E 36 4.74 24.45 42.06
CA HIS E 36 4.99 25.23 43.28
C HIS E 36 6.40 25.74 43.33
N ASP E 37 6.98 26.06 42.16
CA ASP E 37 8.33 26.62 42.10
C ASP E 37 8.23 28.15 42.23
N TYR E 38 8.12 28.61 43.46
CA TYR E 38 7.87 30.03 43.76
C TYR E 38 9.10 30.90 43.49
N LYS E 39 10.28 30.33 43.60
CA LYS E 39 11.51 31.08 43.26
C LYS E 39 11.47 31.49 41.77
N THR E 40 11.05 30.58 40.90
CA THR E 40 10.91 30.91 39.49
C THR E 40 9.69 31.80 39.29
N LEU E 41 8.59 31.46 39.93
CA LEU E 41 7.33 32.15 39.67
C LEU E 41 7.46 33.63 39.97
N ILE E 42 8.11 34.00 41.08
CA ILE E 42 8.13 35.41 41.45
C ILE E 42 8.88 36.28 40.41
N THR E 43 9.78 35.65 39.63
CA THR E 43 10.51 36.35 38.54
C THR E 43 9.57 36.86 37.45
N PHE E 44 8.36 36.29 37.39
CA PHE E 44 7.34 36.72 36.42
C PHE E 44 6.47 37.88 36.93
N TYR E 45 6.67 38.32 38.17
CA TYR E 45 5.78 39.34 38.73
C TYR E 45 6.55 40.59 39.11
N ASN E 46 5.86 41.71 39.11
CA ASN E 46 6.36 42.92 39.78
C ASN E 46 5.25 43.45 40.68
N ARG E 47 5.46 44.64 41.25
CA ARG E 47 4.52 45.20 42.19
CA ARG E 47 4.50 45.17 42.21
C ARG E 47 3.12 45.48 41.62
N ASP E 48 2.99 45.54 40.28
CA ASP E 48 1.73 45.80 39.59
C ASP E 48 1.01 44.56 39.06
N SER E 49 1.65 43.41 39.13
CA SER E 49 1.06 42.21 38.53
C SER E 49 -0.24 41.91 39.27
N ILE E 50 -1.19 41.35 38.54
CA ILE E 50 -2.53 41.02 39.03
C ILE E 50 -2.79 39.52 38.88
N PHE E 51 -3.29 38.89 39.94
CA PHE E 51 -3.87 37.54 39.86
CA PHE E 51 -3.84 37.52 39.90
C PHE E 51 -5.32 37.70 40.24
N PHE E 52 -6.21 37.39 39.31
CA PHE E 52 -7.64 37.58 39.48
C PHE E 52 -8.38 36.30 39.21
N ASP E 53 -8.84 35.66 40.26
CA ASP E 53 -9.84 34.57 40.08
C ASP E 53 -11.22 35.22 40.03
N LYS E 54 -11.74 35.41 38.81
CA LYS E 54 -12.96 36.15 38.64
CA LYS E 54 -12.99 36.13 38.59
C LYS E 54 -14.15 35.33 39.12
N THR E 55 -14.07 33.99 39.00
CA THR E 55 -15.10 33.10 39.54
C THR E 55 -15.22 33.16 41.06
N ALA E 56 -14.13 33.39 41.76
CA ALA E 56 -14.10 33.52 43.23
C ALA E 56 -14.22 34.98 43.68
N ASN E 57 -14.17 35.89 42.74
CA ASN E 57 -14.12 37.32 42.96
C ASN E 57 -13.02 37.70 43.95
N ARG E 58 -11.78 37.29 43.65
CA ARG E 58 -10.62 37.60 44.45
CA ARG E 58 -10.59 37.57 44.45
C ARG E 58 -9.48 38.09 43.53
N LYS E 59 -9.14 39.37 43.67
CA LYS E 59 -8.11 40.00 42.85
C LYS E 59 -6.98 40.42 43.77
N TYR E 60 -5.80 39.82 43.56
CA TYR E 60 -4.56 40.16 44.28
C TYR E 60 -3.69 41.04 43.41
N THR E 61 -3.08 42.10 43.96
CA THR E 61 -2.20 42.93 43.20
C THR E 61 -0.87 42.99 43.89
N GLY E 62 0.19 42.65 43.18
CA GLY E 62 1.55 42.73 43.68
C GLY E 62 2.15 41.36 43.83
N GLY E 63 3.29 41.12 43.23
CA GLY E 63 3.90 39.79 43.24
C GLY E 63 4.12 39.20 44.60
N ARG E 64 4.51 40.01 45.59
CA ARG E 64 4.74 39.46 46.92
C ARG E 64 3.43 39.02 47.57
N PHE E 65 2.36 39.77 47.36
CA PHE E 65 1.07 39.35 47.86
C PHE E 65 0.54 38.11 47.16
N ILE E 66 0.76 38.01 45.85
CA ILE E 66 0.34 36.85 45.08
C ILE E 66 1.06 35.60 45.59
N ILE E 67 2.38 35.70 45.71
CA ILE E 67 3.18 34.56 46.12
C ILE E 67 2.77 34.08 47.49
N ASP E 68 2.55 35.02 48.42
CA ASP E 68 2.13 34.58 49.77
C ASP E 68 0.79 33.86 49.78
N PHE E 69 -0.16 34.39 49.01
CA PHE E 69 -1.47 33.79 48.86
C PHE E 69 -1.35 32.38 48.24
N LEU E 70 -0.54 32.25 47.21
CA LEU E 70 -0.38 30.94 46.54
C LEU E 70 0.28 29.92 47.49
N GLU E 71 1.35 30.34 48.18
CA GLU E 71 2.08 29.41 49.07
C GLU E 71 1.15 28.90 50.18
N ARG E 72 0.39 29.81 50.77
CA ARG E 72 -0.54 29.41 51.81
C ARG E 72 -1.68 28.53 51.27
N ALA E 73 -2.21 28.88 50.12
CA ALA E 73 -3.33 28.12 49.56
C ALA E 73 -2.92 26.68 49.26
N HIS E 74 -1.66 26.50 48.91
CA HIS E 74 -1.15 25.19 48.49
C HIS E 74 -0.37 24.41 49.53
N GLN E 75 -0.41 24.84 50.79
CA GLN E 75 0.22 24.05 51.86
C GLN E 75 -0.27 22.60 51.78
N GLY E 76 0.67 21.67 51.64
CA GLY E 76 0.36 20.26 51.56
C GLY E 76 -0.06 19.72 50.21
N VAL E 77 -0.22 20.58 49.21
CA VAL E 77 -0.68 20.19 47.89
C VAL E 77 0.52 19.72 47.08
N LEU E 78 0.40 18.55 46.47
CA LEU E 78 1.43 17.98 45.61
C LEU E 78 1.40 18.65 44.24
N GLU E 79 2.43 18.45 43.42
CA GLU E 79 2.37 18.97 42.05
C GLU E 79 1.02 18.60 41.41
N TYR E 80 0.44 19.58 40.72
CA TYR E 80 -0.79 19.36 39.98
C TYR E 80 -0.56 19.63 38.53
N ASP E 81 -1.50 19.20 37.70
CA ASP E 81 -1.35 19.34 36.26
C ASP E 81 -2.42 20.24 35.66
N PHE E 82 -2.04 20.94 34.61
CA PHE E 82 -3.00 21.67 33.78
C PHE E 82 -2.99 20.93 32.44
N ASN E 83 -4.06 20.19 32.22
CA ASN E 83 -4.24 19.35 31.04
C ASN E 83 -5.08 20.16 30.05
N ILE E 84 -4.40 20.72 29.07
CA ILE E 84 -5.06 21.66 28.17
C ILE E 84 -5.74 20.94 26.99
N GLU E 85 -6.91 21.46 26.67
CA GLU E 85 -7.62 21.07 25.46
C GLU E 85 -7.26 21.97 24.32
N HIS E 86 -7.02 23.26 24.59
CA HIS E 86 -6.68 24.22 23.56
C HIS E 86 -5.98 25.44 24.15
N TYR E 88 -4.37 29.31 22.66
CA TYR E 88 -4.19 30.24 21.60
C TYR E 88 -3.78 31.59 22.13
N ASN E 89 -3.40 32.51 21.26
CA ASN E 89 -3.00 33.81 21.71
C ASN E 89 -3.35 34.89 20.70
N ALA E 90 -3.55 36.11 21.21
CA ALA E 90 -3.76 37.31 20.42
C ALA E 90 -2.68 38.23 20.91
N GLY E 91 -1.56 38.32 20.19
CA GLY E 91 -0.42 39.02 20.72
C GLY E 91 0.01 38.47 22.07
N SER E 92 0.15 39.38 23.03
CA SER E 92 0.63 39.03 24.37
CA SER E 92 0.63 39.01 24.36
C SER E 92 -0.47 38.53 25.28
N LEU E 93 -1.67 38.33 24.77
CA LEU E 93 -2.76 37.71 25.56
C LEU E 93 -2.85 36.21 25.20
N VAL E 94 -2.59 35.34 26.16
CA VAL E 94 -2.55 33.91 25.97
C VAL E 94 -3.77 33.31 26.68
N VAL E 95 -4.52 32.48 25.98
CA VAL E 95 -5.72 31.89 26.50
C VAL E 95 -5.59 30.37 26.52
N ILE E 97 -7.57 26.67 27.73
CA ILE E 97 -8.80 26.00 28.09
C ILE E 97 -8.43 24.56 28.44
N GLY E 98 -8.79 24.12 29.64
CA GLY E 98 -8.40 22.79 30.07
C GLY E 98 -8.99 22.38 31.39
N ASN E 99 -8.34 21.41 32.05
CA ASN E 99 -8.77 20.89 33.33
C ASN E 99 -7.55 20.89 34.23
N TYR E 100 -7.72 21.37 35.45
CA TYR E 100 -6.69 21.27 36.48
C TYR E 100 -6.93 19.97 37.26
N HIS E 101 -5.94 19.09 37.21
CA HIS E 101 -5.97 17.78 37.86
C HIS E 101 -5.12 17.80 39.11
N PHE E 102 -5.79 17.57 40.24
CA PHE E 102 -5.14 17.47 41.56
C PHE E 102 -5.33 16.06 42.11
N LYS E 103 -4.25 15.48 42.58
CA LYS E 103 -4.29 14.18 43.28
C LYS E 103 -3.38 14.27 44.48
N GLY E 104 -3.90 13.91 45.64
CA GLY E 104 -3.08 13.95 46.84
C GLY E 104 -3.86 14.22 48.09
N PRO E 105 -3.14 14.57 49.18
CA PRO E 105 -3.85 14.78 50.42
C PRO E 105 -4.95 15.82 50.27
N GLY E 106 -6.08 15.57 50.95
CA GLY E 106 -7.29 16.33 50.74
C GLY E 106 -7.59 17.48 51.67
N GLU E 107 -6.64 17.80 52.57
CA GLU E 107 -6.87 18.88 53.55
C GLU E 107 -7.40 20.19 52.96
N GLN E 108 -6.76 20.68 51.91
CA GLN E 108 -7.12 21.97 51.30
CA GLN E 108 -7.14 21.97 51.35
C GLN E 108 -8.47 21.89 50.57
N PHE E 109 -8.96 20.67 50.32
CA PHE E 109 -10.19 20.43 49.61
C PHE E 109 -11.32 20.01 50.55
N GLY E 110 -11.12 20.21 51.86
CA GLY E 110 -12.14 19.85 52.85
C GLY E 110 -12.25 18.37 53.14
N LYS E 111 -11.20 17.61 52.84
CA LYS E 111 -11.20 16.18 53.01
C LYS E 111 -9.95 15.77 53.79
N PRO E 112 -9.85 16.22 55.06
CA PRO E 112 -8.65 15.87 55.84
C PRO E 112 -8.50 14.36 56.09
N GLY E 113 -7.27 13.88 56.04
CA GLY E 113 -6.99 12.46 56.26
C GLY E 113 -7.23 11.55 55.06
N LYS E 114 -7.70 12.13 53.95
CA LYS E 114 -8.03 11.38 52.78
C LYS E 114 -7.14 11.80 51.63
N ILE E 115 -7.16 10.98 50.58
CA ILE E 115 -6.53 11.28 49.30
C ILE E 115 -7.65 11.59 48.35
N ILE E 116 -7.54 12.74 47.67
CA ILE E 116 -8.54 13.15 46.67
C ILE E 116 -7.96 13.12 45.27
N ASP E 117 -8.86 13.10 44.28
CA ASP E 117 -8.48 13.12 42.89
C ASP E 117 -9.61 13.88 42.19
N VAL E 118 -9.32 15.10 41.71
CA VAL E 118 -10.32 15.94 41.06
C VAL E 118 -9.72 16.51 39.75
N ALA E 119 -10.63 16.73 38.78
CA ALA E 119 -10.30 17.28 37.47
C ALA E 119 -11.24 18.43 37.22
N ILE E 120 -10.70 19.65 37.26
CA ILE E 120 -11.53 20.86 37.41
C ILE E 120 -11.49 21.68 36.10
N PRO E 121 -12.63 21.76 35.38
CA PRO E 121 -12.62 22.61 34.15
C PRO E 121 -12.25 24.05 34.43
N ALA E 122 -11.50 24.66 33.51
CA ALA E 122 -11.08 26.02 33.68
C ALA E 122 -10.66 26.69 32.39
N VAL E 123 -10.73 28.02 32.41
CA VAL E 123 -10.10 28.88 31.43
C VAL E 123 -9.17 29.80 32.20
N THR E 124 -7.91 29.85 31.75
CA THR E 124 -6.88 30.73 32.33
C THR E 124 -6.35 31.58 31.22
N SER E 125 -6.25 32.89 31.44
CA SER E 125 -5.62 33.77 30.48
C SER E 125 -4.51 34.51 31.17
N LEU E 126 -3.45 34.77 30.41
CA LEU E 126 -2.32 35.55 30.87
C LEU E 126 -2.06 36.70 29.90
N LYS E 127 -1.98 37.92 30.42
CA LYS E 127 -1.51 39.05 29.66
CA LYS E 127 -1.52 39.06 29.67
C LYS E 127 -0.05 39.25 30.03
N LEU E 128 0.80 39.26 29.01
CA LEU E 128 2.24 39.21 29.19
C LEU E 128 2.88 40.52 28.74
N ASP E 129 3.91 40.93 29.45
CA ASP E 129 4.83 42.00 29.02
C ASP E 129 6.05 41.27 28.51
N LEU E 131 8.74 42.28 26.78
CA LEU E 131 10.04 42.98 26.98
C LEU E 131 10.64 42.59 28.33
N ASN E 132 9.81 42.57 29.37
CA ASN E 132 10.28 42.26 30.72
C ASN E 132 10.05 40.82 31.22
N ARG E 133 9.48 39.98 30.35
CA ARG E 133 9.20 38.56 30.65
C ARG E 133 8.36 38.42 31.93
N ARG E 134 7.29 39.19 31.94
CA ARG E 134 6.43 39.43 33.10
CA ARG E 134 6.45 39.24 33.13
C ARG E 134 4.96 39.07 32.81
N VAL E 135 4.27 38.50 33.78
CA VAL E 135 2.83 38.36 33.72
C VAL E 135 2.25 39.61 34.33
N THR E 136 1.58 40.43 33.54
CA THR E 136 0.89 41.59 34.07
C THR E 136 -0.49 41.26 34.62
N GLU E 137 -1.20 40.27 34.05
CA GLU E 137 -2.51 39.89 34.57
C GLU E 137 -2.75 38.42 34.30
N HIS E 138 -3.02 37.66 35.36
CA HIS E 138 -3.42 36.25 35.31
C HIS E 138 -4.88 36.20 35.70
N VAL E 139 -5.77 35.75 34.81
CA VAL E 139 -7.18 35.67 35.12
C VAL E 139 -7.58 34.21 35.06
N ASP E 140 -8.20 33.71 36.12
CA ASP E 140 -8.80 32.37 36.22
C ASP E 140 -10.32 32.41 36.26
N LEU E 141 -10.91 31.50 35.47
CA LEU E 141 -12.34 31.19 35.49
C LEU E 141 -12.44 29.70 35.77
N ILE E 142 -12.67 29.36 37.04
CA ILE E 142 -12.60 27.98 37.53
C ILE E 142 -14.00 27.46 37.72
N ASP E 143 -14.26 26.23 37.27
CA ASP E 143 -15.56 25.60 37.41
C ASP E 143 -15.66 24.91 38.79
N TYR E 144 -15.87 25.73 39.82
CA TYR E 144 -15.96 25.23 41.20
C TYR E 144 -17.10 24.27 41.44
N GLN E 145 -18.25 24.43 40.77
CA GLN E 145 -19.35 23.48 40.97
C GLN E 145 -18.99 22.06 40.53
N THR E 146 -18.27 21.91 39.41
CA THR E 146 -17.85 20.59 38.97
C THR E 146 -16.87 20.01 40.02
N SER E 148 -16.85 20.65 43.23
CA SER E 148 -17.67 20.28 44.37
CA SER E 148 -17.68 20.29 44.37
C SER E 148 -18.40 18.97 44.12
N ASP E 149 -18.92 18.80 42.92
CA ASP E 149 -19.62 17.58 42.58
C ASP E 149 -18.72 16.36 42.74
N GLN E 150 -17.48 16.47 42.28
CA GLN E 150 -16.51 15.38 42.39
CA GLN E 150 -16.51 15.37 42.41
C GLN E 150 -16.16 15.11 43.86
N LEU E 151 -15.97 16.17 44.63
CA LEU E 151 -15.57 16.04 46.04
C LEU E 151 -16.69 15.42 46.86
N ALA E 152 -17.95 15.63 46.44
CA ALA E 152 -19.11 15.08 47.18
C ALA E 152 -19.07 13.55 47.15
N GLN E 154 -16.24 11.80 47.46
CA GLN E 154 -14.95 11.45 48.03
C GLN E 154 -14.90 11.74 49.52
N GLU F 18 -31.57 20.52 37.46
CA GLU F 18 -32.01 21.58 36.51
C GLU F 18 -30.93 22.68 36.34
N PRO F 20 -29.05 26.18 36.38
CA PRO F 20 -29.18 27.41 37.16
C PRO F 20 -29.85 28.52 36.36
N GLN F 21 -30.61 29.38 37.04
CA GLN F 21 -31.31 30.48 36.39
C GLN F 21 -30.33 31.40 35.62
N GLU F 22 -29.13 31.63 36.16
CA GLU F 22 -28.12 32.46 35.46
C GLU F 22 -27.73 31.88 34.12
N GLN F 23 -27.52 30.57 34.05
CA GLN F 23 -27.23 29.91 32.80
C GLN F 23 -28.42 29.95 31.86
N GLN F 24 -29.64 29.78 32.36
CA GLN F 24 -30.81 29.84 31.51
C GLN F 24 -30.93 31.20 30.84
N LEU F 25 -30.62 32.27 31.58
CA LEU F 25 -30.70 33.62 31.03
C LEU F 25 -29.59 33.84 30.02
N ALA F 26 -28.39 33.31 30.31
CA ALA F 26 -27.28 33.38 29.35
C ALA F 26 -27.65 32.73 28.02
N VAL F 27 -28.32 31.59 28.05
CA VAL F 27 -28.75 30.90 26.83
C VAL F 27 -29.77 31.73 26.07
N LYS F 28 -30.76 32.31 26.77
CA LYS F 28 -31.71 33.20 26.12
CA LYS F 28 -31.73 33.23 26.13
C LYS F 28 -31.02 34.39 25.41
N TYR F 29 -30.06 34.98 26.09
CA TYR F 29 -29.26 36.05 25.49
C TYR F 29 -28.51 35.59 24.26
N ASP F 31 -29.04 33.07 22.35
CA ASP F 31 -29.97 32.70 21.27
C ASP F 31 -30.44 33.99 20.56
N ALA F 32 -30.80 35.06 21.30
CA ALA F 32 -31.18 36.32 20.65
C ALA F 32 -30.05 36.89 19.83
N LEU F 33 -28.85 36.85 20.37
CA LEU F 33 -27.68 37.39 19.68
CA LEU F 33 -27.66 37.35 19.72
C LEU F 33 -27.41 36.62 18.39
N THR F 34 -27.37 35.30 18.45
CA THR F 34 -27.00 34.50 17.28
C THR F 34 -28.10 34.50 16.23
N GLU F 35 -29.35 34.69 16.61
CA GLU F 35 -30.47 34.79 15.68
CA GLU F 35 -30.43 34.75 15.61
C GLU F 35 -30.59 36.21 15.10
N HIS F 36 -29.85 37.15 15.68
CA HIS F 36 -29.98 38.60 15.45
CA HIS F 36 -30.05 38.59 15.37
C HIS F 36 -31.46 39.03 15.67
N ASP F 37 -32.04 38.54 16.76
CA ASP F 37 -33.37 38.98 17.24
C ASP F 37 -33.19 40.24 18.06
N TYR F 38 -33.04 41.38 17.39
CA TYR F 38 -32.63 42.62 18.05
C TYR F 38 -33.70 43.15 18.99
N LYS F 39 -34.97 42.82 18.73
CA LYS F 39 -36.04 43.27 19.65
C LYS F 39 -35.85 42.63 21.04
N THR F 40 -35.50 41.35 21.06
CA THR F 40 -35.23 40.67 22.31
C THR F 40 -33.86 41.12 22.82
N LEU F 41 -32.87 41.19 21.94
CA LEU F 41 -31.52 41.46 22.37
C LEU F 41 -31.38 42.78 23.12
N ILE F 42 -32.01 43.82 22.60
CA ILE F 42 -31.90 45.13 23.18
C ILE F 42 -32.41 45.18 24.63
N THR F 43 -33.34 44.30 25.00
CA THR F 43 -33.83 44.27 26.38
C THR F 43 -32.72 43.88 27.37
N PHE F 44 -31.62 43.28 26.88
CA PHE F 44 -30.51 42.89 27.73
C PHE F 44 -29.46 43.99 27.89
N TYR F 45 -29.62 45.11 27.18
CA TYR F 45 -28.63 46.18 27.22
C TYR F 45 -29.18 47.49 27.73
N ASN F 46 -28.31 48.23 28.38
CA ASN F 46 -28.53 49.68 28.54
C ASN F 46 -27.27 50.40 28.02
N ARG F 47 -27.16 51.72 28.18
CA ARG F 47 -26.04 52.43 27.55
CA ARG F 47 -26.04 52.47 27.60
C ARG F 47 -24.70 52.10 28.19
N ASP F 48 -24.71 51.44 29.36
CA ASP F 48 -23.49 51.05 30.06
C ASP F 48 -22.99 49.63 29.78
N SER F 49 -23.81 48.82 29.11
CA SER F 49 -23.45 47.42 28.77
C SER F 49 -22.23 47.39 27.88
N ILE F 50 -21.21 46.63 28.30
CA ILE F 50 -19.93 46.54 27.58
C ILE F 50 -19.80 45.23 26.85
N PHE F 51 -19.56 45.30 25.54
CA PHE F 51 -19.14 44.15 24.74
C PHE F 51 -17.67 44.35 24.46
N PHE F 52 -16.85 43.44 24.94
CA PHE F 52 -15.42 43.52 24.75
C PHE F 52 -14.89 42.25 24.15
N ASP F 53 -14.45 42.36 22.90
CA ASP F 53 -13.69 41.26 22.27
C ASP F 53 -12.25 41.53 22.63
N LYS F 54 -11.82 40.89 23.71
CA LYS F 54 -10.50 41.13 24.26
C LYS F 54 -9.40 40.66 23.34
N THR F 55 -9.67 39.62 22.55
CA THR F 55 -8.70 39.11 21.60
C THR F 55 -8.56 40.02 20.36
N ALA F 56 -9.62 40.72 19.97
CA ALA F 56 -9.58 41.70 18.85
C ALA F 56 -9.22 43.09 19.40
N ASN F 57 -9.21 43.25 20.71
CA ASN F 57 -9.07 44.52 21.39
C ASN F 57 -10.09 45.55 20.85
N ARG F 58 -11.33 45.10 20.73
CA ARG F 58 -12.45 45.91 20.21
C ARG F 58 -13.54 45.96 21.31
N LYS F 59 -13.95 47.19 21.66
CA LYS F 59 -14.99 47.42 22.66
C LYS F 59 -16.14 48.21 22.08
N TYR F 60 -17.37 47.81 22.42
CA TYR F 60 -18.61 48.54 22.06
C TYR F 60 -19.44 48.66 23.31
N THR F 61 -19.87 49.88 23.63
CA THR F 61 -20.65 50.10 24.85
C THR F 61 -22.00 50.74 24.55
N GLY F 62 -23.04 50.08 25.04
CA GLY F 62 -24.39 50.50 24.87
C GLY F 62 -25.06 49.70 23.73
N GLY F 63 -26.33 49.40 23.90
CA GLY F 63 -27.08 48.62 22.92
C GLY F 63 -27.02 49.10 21.50
N ARG F 64 -27.19 50.41 21.29
CA ARG F 64 -27.11 50.96 19.96
C ARG F 64 -25.82 50.59 19.25
N PHE F 65 -24.68 50.68 19.94
CA PHE F 65 -23.41 50.48 19.33
C PHE F 65 -23.05 49.01 19.20
N ILE F 66 -23.53 48.19 20.14
CA ILE F 66 -23.34 46.74 20.02
C ILE F 66 -24.09 46.23 18.79
N ILE F 67 -25.35 46.64 18.66
CA ILE F 67 -26.18 46.17 17.52
C ILE F 67 -25.61 46.67 16.20
N ASP F 68 -25.12 47.91 16.17
CA ASP F 68 -24.46 48.43 14.97
CA ASP F 68 -24.48 48.42 14.99
C ASP F 68 -23.26 47.58 14.60
N PHE F 69 -22.46 47.17 15.59
CA PHE F 69 -21.33 46.30 15.35
C PHE F 69 -21.79 44.97 14.75
N LEU F 70 -22.81 44.38 15.35
CA LEU F 70 -23.27 43.05 14.87
C LEU F 70 -23.76 43.14 13.43
N GLU F 71 -24.44 44.19 13.09
CA GLU F 71 -24.90 44.43 11.69
C GLU F 71 -23.76 44.52 10.72
N ARG F 72 -22.68 45.19 11.10
CA ARG F 72 -21.52 45.28 10.23
CA ARG F 72 -21.50 45.31 10.25
C ARG F 72 -20.75 43.98 10.16
N ALA F 73 -20.51 43.36 11.30
CA ALA F 73 -19.65 42.19 11.36
C ALA F 73 -20.29 41.06 10.58
N HIS F 74 -21.61 40.97 10.73
CA HIS F 74 -22.38 39.83 10.19
C HIS F 74 -23.20 40.14 8.96
N GLN F 75 -22.85 41.21 8.24
CA GLN F 75 -23.58 41.60 7.04
CA GLN F 75 -23.60 41.59 7.04
C GLN F 75 -23.73 40.40 6.08
N GLY F 76 -24.96 40.16 5.68
CA GLY F 76 -25.26 39.12 4.68
C GLY F 76 -25.12 37.70 5.15
N VAL F 77 -25.06 37.47 6.48
CA VAL F 77 -24.82 36.14 7.01
C VAL F 77 -25.81 35.09 6.48
N LEU F 78 -25.28 33.91 6.17
CA LEU F 78 -26.11 32.72 5.83
C LEU F 78 -26.44 31.86 7.06
N GLU F 79 -25.49 31.64 7.94
CA GLU F 79 -25.64 30.74 9.11
C GLU F 79 -24.74 31.21 10.24
N TYR F 80 -25.25 31.18 11.46
CA TYR F 80 -24.43 31.62 12.62
C TYR F 80 -24.92 30.90 13.84
N ASP F 81 -24.01 30.27 14.57
CA ASP F 81 -24.36 29.59 15.81
C ASP F 81 -23.19 29.62 16.75
N PHE F 82 -23.50 29.61 18.05
CA PHE F 82 -22.52 29.39 19.12
C PHE F 82 -22.81 28.03 19.71
N ASN F 83 -21.92 27.09 19.43
CA ASN F 83 -22.08 25.72 19.91
C ASN F 83 -21.36 25.56 21.22
N ILE F 84 -22.12 25.47 22.30
CA ILE F 84 -21.55 25.42 23.66
C ILE F 84 -21.10 24.01 23.96
N GLU F 85 -19.81 23.84 24.28
CA GLU F 85 -19.24 22.57 24.69
C GLU F 85 -19.28 22.38 26.19
N HIS F 86 -19.09 23.46 26.96
CA HIS F 86 -19.16 23.39 28.42
C HIS F 86 -19.52 24.78 28.95
N TYR F 88 -20.58 26.91 32.73
CA TYR F 88 -20.66 26.93 34.17
C TYR F 88 -20.90 28.34 34.64
N ASN F 89 -21.19 28.51 35.92
CA ASN F 89 -21.36 29.82 36.49
C ASN F 89 -20.91 29.91 37.93
N ALA F 90 -20.56 31.13 38.30
CA ALA F 90 -20.24 31.52 39.66
C ALA F 90 -21.15 32.70 39.93
N GLY F 91 -22.26 32.46 40.61
CA GLY F 91 -23.28 33.51 40.73
C GLY F 91 -23.73 33.97 39.34
N SER F 92 -23.74 35.29 39.16
CA SER F 92 -24.16 35.89 37.91
CA SER F 92 -24.15 35.92 37.91
C SER F 92 -23.06 36.05 36.85
N LEU F 93 -21.90 35.43 37.07
CA LEU F 93 -20.88 35.31 36.03
C LEU F 93 -20.97 33.93 35.39
N VAL F 94 -21.29 33.94 34.09
CA VAL F 94 -21.52 32.74 33.31
C VAL F 94 -20.39 32.60 32.30
N VAL F 95 -19.77 31.42 32.27
CA VAL F 95 -18.66 31.12 31.39
C VAL F 95 -19.10 30.03 30.41
N ILE F 97 -17.65 27.80 27.12
CA ILE F 97 -16.57 27.38 26.22
C ILE F 97 -17.22 26.70 25.04
N GLY F 98 -16.82 27.11 23.83
CA GLY F 98 -17.43 26.47 22.67
C GLY F 98 -16.81 26.95 21.39
N ASN F 99 -17.65 26.97 20.34
CA ASN F 99 -17.19 27.25 18.99
C ASN F 99 -18.25 28.06 18.27
N TYR F 100 -17.83 29.13 17.62
CA TYR F 100 -18.70 29.96 16.79
C TYR F 100 -18.60 29.50 15.33
N HIS F 101 -19.72 29.07 14.79
CA HIS F 101 -19.80 28.69 13.37
C HIS F 101 -20.41 29.89 12.61
N PHE F 102 -19.72 30.43 11.61
CA PHE F 102 -20.18 31.54 10.81
C PHE F 102 -19.98 31.15 9.33
N LYS F 103 -21.06 31.20 8.57
CA LYS F 103 -21.02 31.10 7.13
C LYS F 103 -21.62 32.41 6.54
N GLY F 104 -20.88 33.08 5.67
CA GLY F 104 -21.33 34.35 5.16
C GLY F 104 -20.38 34.94 4.16
N PRO F 105 -20.72 36.11 3.61
CA PRO F 105 -19.89 36.77 2.60
C PRO F 105 -18.51 37.01 3.17
N GLY F 106 -17.48 36.84 2.32
CA GLY F 106 -16.11 36.91 2.79
C GLY F 106 -15.48 38.29 2.78
N GLU F 107 -16.21 39.28 2.30
CA GLU F 107 -15.63 40.63 2.14
C GLU F 107 -14.96 41.20 3.40
N GLN F 108 -15.62 41.11 4.54
CA GLN F 108 -15.05 41.63 5.79
C GLN F 108 -14.09 40.66 6.50
N PHE F 109 -13.76 39.55 5.84
CA PHE F 109 -12.80 38.57 6.34
C PHE F 109 -11.61 38.55 5.38
N GLY F 110 -11.55 39.47 4.45
CA GLY F 110 -10.45 39.47 3.48
C GLY F 110 -10.58 38.45 2.35
N LYS F 111 -11.79 37.98 2.08
CA LYS F 111 -12.12 37.02 1.04
C LYS F 111 -13.27 37.47 0.16
N PRO F 112 -13.10 38.64 -0.50
CA PRO F 112 -14.14 39.12 -1.41
C PRO F 112 -14.49 38.13 -2.51
N GLY F 113 -15.75 38.10 -2.86
CA GLY F 113 -16.27 37.27 -3.93
C GLY F 113 -16.59 35.82 -3.57
N LYS F 114 -16.45 35.49 -2.31
CA LYS F 114 -16.68 34.14 -1.80
C LYS F 114 -17.64 34.16 -0.61
N ILE F 115 -18.24 33.01 -0.36
CA ILE F 115 -18.86 32.71 0.92
C ILE F 115 -17.89 31.89 1.73
N ILE F 116 -17.53 32.40 2.91
CA ILE F 116 -16.61 31.69 3.79
C ILE F 116 -17.40 30.94 4.85
N ASP F 117 -16.76 29.93 5.43
CA ASP F 117 -17.43 29.04 6.42
C ASP F 117 -16.35 28.71 7.44
N VAL F 118 -16.51 29.17 8.67
CA VAL F 118 -15.46 29.04 9.69
C VAL F 118 -16.08 28.53 11.00
N ALA F 119 -15.28 27.80 11.79
CA ALA F 119 -15.70 27.23 13.06
C ALA F 119 -14.62 27.55 14.06
N ILE F 120 -14.87 28.54 14.88
CA ILE F 120 -13.82 29.28 15.64
C ILE F 120 -13.93 28.92 17.14
N PRO F 121 -12.89 28.29 17.71
CA PRO F 121 -12.84 28.04 19.17
C PRO F 121 -12.95 29.38 19.95
N ALA F 122 -13.67 29.35 21.06
CA ALA F 122 -13.92 30.59 21.80
C ALA F 122 -14.32 30.29 23.25
N VAL F 123 -14.09 31.31 24.07
CA VAL F 123 -14.72 31.41 25.39
C VAL F 123 -15.44 32.74 25.44
N THR F 124 -16.70 32.71 25.87
CA THR F 124 -17.49 33.93 26.07
C THR F 124 -17.91 33.91 27.53
N SER F 125 -17.67 35.02 28.25
CA SER F 125 -18.22 35.16 29.60
C SER F 125 -19.19 36.33 29.66
N LEU F 126 -20.25 36.15 30.45
CA LEU F 126 -21.25 37.19 30.68
C LEU F 126 -21.38 37.49 32.14
N LYS F 127 -21.30 38.77 32.49
CA LYS F 127 -21.71 39.20 33.82
CA LYS F 127 -21.69 39.23 33.82
C LYS F 127 -23.12 39.74 33.71
N LEU F 128 -24.01 39.12 34.45
CA LEU F 128 -25.45 39.39 34.39
C LEU F 128 -25.96 40.20 35.60
N ASP F 129 -26.90 41.10 35.33
CA ASP F 129 -27.71 41.75 36.37
C ASP F 129 -29.04 41.01 36.33
N LEU F 131 -31.63 40.95 38.42
CA LEU F 131 -32.81 41.76 38.79
C LEU F 131 -33.38 42.47 37.58
N ASN F 132 -32.51 43.08 36.78
CA ASN F 132 -32.92 43.80 35.60
C ASN F 132 -32.87 42.98 34.31
N ARG F 133 -32.44 41.71 34.39
CA ARG F 133 -32.34 40.85 33.20
C ARG F 133 -31.48 41.50 32.11
N ARG F 134 -30.30 41.96 32.54
CA ARG F 134 -29.37 42.66 31.63
C ARG F 134 -28.01 42.01 31.65
N VAL F 135 -27.34 42.14 30.53
CA VAL F 135 -25.93 41.82 30.44
C VAL F 135 -25.13 43.08 30.68
N THR F 136 -24.35 43.11 31.75
CA THR F 136 -23.53 44.27 32.06
C THR F 136 -22.14 44.22 31.36
N GLU F 137 -21.61 43.01 31.18
CA GLU F 137 -20.34 42.83 30.51
CA GLU F 137 -20.32 42.82 30.53
C GLU F 137 -20.33 41.49 29.76
N HIS F 138 -20.02 41.54 28.48
CA HIS F 138 -19.90 40.38 27.60
C HIS F 138 -18.45 40.43 27.14
N VAL F 139 -17.68 39.43 27.51
CA VAL F 139 -16.26 39.37 27.13
C VAL F 139 -16.04 38.15 26.24
N ASP F 140 -15.49 38.39 25.04
CA ASP F 140 -15.15 37.32 24.10
C ASP F 140 -13.65 37.14 24.01
N LEU F 141 -13.23 35.84 24.09
CA LEU F 141 -11.88 35.41 23.81
C LEU F 141 -11.90 34.42 22.63
N ILE F 142 -11.65 34.96 21.43
CA ILE F 142 -11.87 34.23 20.20
C ILE F 142 -10.51 33.83 19.63
N ASP F 143 -10.45 32.59 19.12
CA ASP F 143 -9.25 32.05 18.53
C ASP F 143 -9.14 32.45 17.04
N TYR F 144 -8.75 33.70 16.80
CA TYR F 144 -8.62 34.23 15.43
C TYR F 144 -7.56 33.56 14.60
N GLN F 145 -6.51 33.04 15.19
CA GLN F 145 -5.48 32.35 14.38
C GLN F 145 -6.07 31.09 13.74
N THR F 146 -6.92 30.38 14.47
CA THR F 146 -7.54 29.21 13.86
C THR F 146 -8.51 29.65 12.75
N SER F 148 -8.08 32.24 10.84
CA SER F 148 -7.17 32.56 9.70
CA SER F 148 -7.17 32.57 9.72
C SER F 148 -6.66 31.31 9.03
N ASP F 149 -6.33 30.31 9.83
CA ASP F 149 -5.88 29.03 9.26
C ASP F 149 -6.96 28.43 8.33
N GLN F 150 -8.22 28.45 8.76
CA GLN F 150 -9.30 27.96 7.95
C GLN F 150 -9.47 28.79 6.69
N LEU F 151 -9.46 30.11 6.84
CA LEU F 151 -9.63 30.99 5.68
C LEU F 151 -8.51 30.81 4.66
N ALA F 152 -7.30 30.45 5.10
CA ALA F 152 -6.16 30.25 4.20
C ALA F 152 -6.41 29.10 3.24
N GLN F 154 -9.50 28.49 1.94
CA GLN F 154 -10.67 28.88 1.23
C GLN F 154 -10.38 29.97 0.19
N GLY G 1 2.52 20.05 36.28
CA GLY G 1 3.01 20.35 34.90
C GLY G 1 1.87 20.66 33.97
N PHE G 3 0.27 19.74 30.29
CA PHE G 3 0.23 18.66 29.34
C PHE G 3 -0.86 18.86 28.29
N ALA G 4 -0.60 18.34 27.11
CA ALA G 4 -1.57 18.29 26.00
C ALA G 4 -1.74 16.85 25.58
N SER G 5 -2.79 16.60 24.80
CA SER G 5 -3.08 15.26 24.32
CA SER G 5 -3.15 15.28 24.31
C SER G 5 -3.08 15.36 22.80
N LEU G 6 -2.44 14.39 22.18
CA LEU G 6 -2.32 14.37 20.74
CA LEU G 6 -2.30 14.35 20.73
C LEU G 6 -2.97 13.10 20.23
N VAL G 7 -3.84 13.23 19.26
CA VAL G 7 -4.51 12.04 18.68
C VAL G 7 -3.59 11.55 17.57
N ILE G 8 -3.22 10.27 17.60
CA ILE G 8 -2.23 9.68 16.69
CA ILE G 8 -2.37 9.75 16.57
C ILE G 8 -2.94 8.44 16.06
N PRO G 9 -2.83 8.23 14.74
CA PRO G 9 -3.31 6.94 14.23
C PRO G 9 -2.44 5.81 14.79
N VAL G 10 -3.06 4.71 15.19
CA VAL G 10 -2.27 3.60 15.71
C VAL G 10 -1.36 3.00 14.64
N SER G 11 -1.74 3.13 13.37
CA SER G 11 -0.86 2.71 12.29
C SER G 11 0.51 3.40 12.34
N ALA G 12 0.56 4.64 12.85
CA ALA G 12 1.83 5.35 13.02
C ALA G 12 2.64 4.70 14.15
N GLN G 13 2.00 4.33 15.22
CA GLN G 13 2.66 3.66 16.37
C GLN G 13 3.16 2.26 15.99
N ALA G 14 2.54 1.65 14.98
CA ALA G 14 2.94 0.29 14.56
C ALA G 14 4.37 0.27 14.04
N ASN G 15 4.89 1.45 13.67
CA ASN G 15 6.25 1.55 13.16
C ASN G 15 7.25 2.03 14.22
N SER G 16 6.88 1.96 15.51
CA SER G 16 7.78 2.37 16.62
C SER G 16 9.05 1.52 16.71
N GLY G 17 8.97 0.32 16.14
CA GLY G 17 10.02 -0.67 16.23
C GLY G 17 9.80 -1.58 17.43
N GLU G 18 8.80 -1.28 18.24
CA GLU G 18 8.53 -2.02 19.47
C GLU G 18 7.13 -2.71 19.56
N PRO G 20 4.34 -5.38 19.13
CA PRO G 20 4.30 -6.78 18.71
C PRO G 20 3.61 -6.96 17.39
N GLN G 21 4.07 -7.89 16.57
CA GLN G 21 3.46 -8.12 15.27
CA GLN G 21 3.43 -8.14 15.26
C GLN G 21 1.95 -8.43 15.37
N GLU G 22 1.56 -9.14 16.43
CA GLU G 22 0.18 -9.48 16.66
C GLU G 22 -0.70 -8.22 16.75
N GLN G 23 -0.23 -7.22 17.50
CA GLN G 23 -0.89 -5.93 17.56
C GLN G 23 -0.88 -5.22 16.22
N GLN G 24 0.25 -5.23 15.53
CA GLN G 24 0.28 -4.58 14.22
C GLN G 24 -0.72 -5.15 13.23
N LEU G 25 -0.87 -6.47 13.23
CA LEU G 25 -1.86 -7.12 12.37
C LEU G 25 -3.28 -6.69 12.78
N ALA G 26 -3.54 -6.66 14.08
CA ALA G 26 -4.82 -6.21 14.56
C ALA G 26 -5.13 -4.80 14.06
N VAL G 27 -4.14 -3.91 14.05
CA VAL G 27 -4.36 -2.53 13.57
C VAL G 27 -4.78 -2.52 12.10
N LYS G 28 -4.12 -3.32 11.27
CA LYS G 28 -4.51 -3.38 9.87
C LYS G 28 -5.94 -3.88 9.69
N TYR G 29 -6.32 -4.90 10.47
CA TYR G 29 -7.69 -5.43 10.43
C TYR G 29 -8.71 -4.37 10.83
N ASP G 31 -8.36 -1.09 10.93
CA ASP G 31 -8.44 0.00 9.97
C ASP G 31 -9.31 -0.41 8.78
N ALA G 32 -9.17 -1.63 8.29
CA ALA G 32 -10.00 -2.10 7.18
C ALA G 32 -11.48 -2.14 7.59
N LEU G 33 -11.76 -2.70 8.78
CA LEU G 33 -13.12 -2.78 9.27
C LEU G 33 -13.79 -1.40 9.36
N THR G 34 -13.10 -0.47 9.98
CA THR G 34 -13.71 0.83 10.33
C THR G 34 -13.83 1.73 9.09
N GLU G 35 -13.05 1.46 8.04
CA GLU G 35 -13.08 2.11 6.72
CA GLU G 35 -13.26 2.22 6.80
C GLU G 35 -14.08 1.44 5.77
N HIS G 36 -14.68 0.32 6.19
CA HIS G 36 -15.55 -0.45 5.28
C HIS G 36 -14.85 -0.98 4.07
N ASP G 37 -13.57 -1.32 4.22
CA ASP G 37 -12.75 -1.85 3.10
C ASP G 37 -12.91 -3.37 3.08
N TYR G 38 -14.03 -3.82 2.55
CA TYR G 38 -14.36 -5.24 2.56
C TYR G 38 -13.45 -6.09 1.68
N LYS G 39 -12.91 -5.51 0.62
CA LYS G 39 -11.93 -6.25 -0.20
C LYS G 39 -10.71 -6.65 0.63
N THR G 40 -10.22 -5.74 1.47
CA THR G 40 -9.13 -6.07 2.38
C THR G 40 -9.60 -6.96 3.50
N LEU G 41 -10.77 -6.64 4.06
CA LEU G 41 -11.21 -7.36 5.24
C LEU G 41 -11.40 -8.82 4.97
N ILE G 42 -11.95 -9.19 3.81
CA ILE G 42 -12.22 -10.60 3.56
C ILE G 42 -10.95 -11.43 3.50
N THR G 43 -9.79 -10.78 3.21
CA THR G 43 -8.49 -11.50 3.22
C THR G 43 -8.09 -12.00 4.60
N PHE G 44 -8.69 -11.42 5.66
CA PHE G 44 -8.43 -11.83 7.01
C PHE G 44 -9.30 -12.98 7.48
N TYR G 45 -10.21 -13.47 6.65
CA TYR G 45 -11.16 -14.52 7.06
C TYR G 45 -11.01 -15.77 6.20
N ASN G 46 -11.38 -16.91 6.77
CA ASN G 46 -11.68 -18.10 5.99
C ASN G 46 -13.02 -18.66 6.39
N ARG G 47 -13.34 -19.85 5.92
CA ARG G 47 -14.61 -20.48 6.17
CA ARG G 47 -14.66 -20.39 6.18
C ARG G 47 -14.92 -20.75 7.66
N ASP G 48 -13.88 -20.75 8.47
CA ASP G 48 -13.97 -21.07 9.90
C ASP G 48 -13.95 -19.85 10.80
N SER G 49 -13.69 -18.66 10.24
CA SER G 49 -13.57 -17.46 11.08
C SER G 49 -14.89 -17.18 11.76
N ILE G 50 -14.80 -16.66 13.00
CA ILE G 50 -15.98 -16.35 13.81
C ILE G 50 -16.01 -14.85 14.10
N PHE G 51 -17.16 -14.23 13.92
CA PHE G 51 -17.44 -12.90 14.47
CA PHE G 51 -17.45 -12.89 14.43
C PHE G 51 -18.55 -13.06 15.48
N PHE G 52 -18.25 -12.76 16.72
CA PHE G 52 -19.19 -12.97 17.83
C PHE G 52 -19.41 -11.68 18.59
N ASP G 53 -20.54 -11.02 18.41
CA ASP G 53 -20.94 -9.95 19.32
C ASP G 53 -21.62 -10.63 20.49
N LYS G 54 -20.89 -10.82 21.58
CA LYS G 54 -21.39 -11.57 22.70
C LYS G 54 -22.47 -10.75 23.42
N THR G 55 -22.38 -9.41 23.40
CA THR G 55 -23.39 -8.58 24.04
C THR G 55 -24.74 -8.63 23.31
N ALA G 56 -24.70 -8.82 22.00
CA ALA G 56 -25.91 -8.95 21.14
C ALA G 56 -26.33 -10.43 21.02
N ASN G 57 -25.52 -11.35 21.49
CA ASN G 57 -25.68 -12.79 21.31
C ASN G 57 -25.89 -13.17 19.84
N ARG G 58 -24.96 -12.73 19.01
CA ARG G 58 -24.98 -13.01 17.57
CA ARG G 58 -24.99 -13.07 17.59
C ARG G 58 -23.60 -13.51 17.15
N LYS G 59 -23.51 -14.80 16.77
CA LYS G 59 -22.26 -15.41 16.35
C LYS G 59 -22.36 -15.88 14.89
N TYR G 60 -21.57 -15.23 14.04
CA TYR G 60 -21.48 -15.55 12.60
C TYR G 60 -20.24 -16.42 12.38
N THR G 61 -20.38 -17.50 11.63
CA THR G 61 -19.23 -18.31 11.26
C THR G 61 -19.10 -18.35 9.76
N GLY G 62 -17.90 -18.05 9.28
CA GLY G 62 -17.59 -18.08 7.86
C GLY G 62 -17.41 -16.71 7.25
N GLY G 63 -16.23 -16.43 6.67
CA GLY G 63 -15.95 -15.11 6.14
C GLY G 63 -16.99 -14.52 5.22
N ARG G 64 -17.56 -15.33 4.32
CA ARG G 64 -18.57 -14.79 3.43
C ARG G 64 -19.85 -14.37 4.17
N PHE G 65 -20.22 -15.12 5.22
CA PHE G 65 -21.41 -14.76 6.01
C PHE G 65 -21.11 -13.50 6.83
N ILE G 66 -19.87 -13.39 7.36
CA ILE G 66 -19.46 -12.23 8.12
C ILE G 66 -19.52 -10.98 7.24
N ILE G 67 -18.87 -11.05 6.07
CA ILE G 67 -18.80 -9.87 5.18
C ILE G 67 -20.20 -9.43 4.75
N ASP G 68 -21.09 -10.37 4.41
CA ASP G 68 -22.45 -9.95 4.06
C ASP G 68 -23.18 -9.24 5.17
N PHE G 69 -23.03 -9.76 6.38
CA PHE G 69 -23.64 -9.16 7.54
C PHE G 69 -23.12 -7.75 7.78
N LEU G 70 -21.80 -7.59 7.68
CA LEU G 70 -21.13 -6.27 7.92
C LEU G 70 -21.57 -5.29 6.89
N GLU G 71 -21.60 -5.69 5.62
CA GLU G 71 -21.91 -4.78 4.54
C GLU G 71 -23.35 -4.28 4.66
N ARG G 72 -24.26 -5.20 4.94
CA ARG G 72 -25.64 -4.82 5.12
C ARG G 72 -25.84 -3.92 6.37
N ALA G 73 -25.24 -4.29 7.48
CA ALA G 73 -25.37 -3.54 8.70
C ALA G 73 -24.90 -2.08 8.54
N HIS G 74 -23.89 -1.86 7.68
CA HIS G 74 -23.32 -0.52 7.53
CA HIS G 74 -23.23 -0.55 7.52
C HIS G 74 -23.69 0.23 6.28
N GLN G 75 -24.77 -0.18 5.63
CA GLN G 75 -25.28 0.56 4.48
C GLN G 75 -25.46 2.03 4.90
N GLY G 76 -24.78 2.93 4.17
CA GLY G 76 -24.93 4.36 4.46
C GLY G 76 -24.04 4.92 5.57
N VAL G 77 -23.35 4.05 6.31
CA VAL G 77 -22.53 4.49 7.42
C VAL G 77 -21.19 4.97 6.88
N LEU G 78 -20.75 6.13 7.34
CA LEU G 78 -19.47 6.72 6.97
C LEU G 78 -18.35 6.06 7.76
N GLU G 79 -17.10 6.25 7.38
CA GLU G 79 -16.01 5.75 8.20
C GLU G 79 -16.22 6.12 9.67
N TYR G 80 -15.98 5.13 10.54
CA TYR G 80 -16.03 5.33 11.99
C TYR G 80 -14.67 5.11 12.60
N ASP G 81 -14.51 5.52 13.84
CA ASP G 81 -13.22 5.40 14.49
C ASP G 81 -13.32 4.48 15.70
N PHE G 82 -12.21 3.76 15.94
CA PHE G 82 -12.03 3.06 17.20
C PHE G 82 -10.92 3.79 17.96
N ASN G 83 -11.32 4.55 18.96
CA ASN G 83 -10.42 5.35 19.77
C ASN G 83 -10.06 4.53 21.00
N ILE G 84 -8.85 4.00 20.98
CA ILE G 84 -8.47 3.09 22.02
C ILE G 84 -7.83 3.80 23.20
N GLU G 85 -8.19 3.28 24.36
CA GLU G 85 -7.58 3.66 25.63
C GLU G 85 -6.40 2.74 25.96
N HIS G 86 -6.49 1.46 25.56
CA HIS G 86 -5.46 0.50 25.86
C HIS G 86 -5.53 -0.69 24.94
N TYR G 88 -3.42 -4.54 24.40
CA TYR G 88 -2.42 -5.48 24.86
C TYR G 88 -2.60 -6.83 24.18
N ASN G 89 -1.63 -7.72 24.33
CA ASN G 89 -1.79 -9.04 23.77
C ASN G 89 -1.14 -10.11 24.64
N ALA G 90 -1.67 -11.30 24.49
CA ALA G 90 -1.15 -12.51 25.06
C ALA G 90 -0.98 -13.47 23.91
N GLY G 91 0.25 -13.62 23.46
CA GLY G 91 0.47 -14.36 22.19
C GLY G 91 -0.37 -13.76 21.07
N SER G 92 -1.15 -14.63 20.38
CA SER G 92 -1.94 -14.17 19.25
CA SER G 92 -1.97 -14.24 19.25
C SER G 92 -3.35 -13.74 19.64
N LEU G 93 -3.60 -13.52 20.93
CA LEU G 93 -4.88 -12.89 21.38
C LEU G 93 -4.60 -11.44 21.68
N VAL G 94 -5.23 -10.55 20.94
CA VAL G 94 -5.14 -9.12 21.09
C VAL G 94 -6.39 -8.57 21.71
N VAL G 95 -6.22 -7.72 22.72
CA VAL G 95 -7.35 -7.12 23.44
C VAL G 95 -7.29 -5.62 23.30
N ILE G 97 -9.40 -1.98 24.32
CA ILE G 97 -10.40 -1.34 25.13
C ILE G 97 -10.52 0.11 24.63
N GLY G 98 -11.72 0.56 24.31
CA GLY G 98 -11.89 1.94 23.79
C GLY G 98 -13.33 2.28 23.49
N ASN G 99 -13.50 3.26 22.58
CA ASN G 99 -14.78 3.78 22.21
C ASN G 99 -14.90 3.79 20.70
N TYR G 100 -16.03 3.31 20.19
CA TYR G 100 -16.33 3.45 18.76
C TYR G 100 -17.11 4.75 18.56
N HIS G 101 -16.55 5.62 17.71
CA HIS G 101 -17.08 6.93 17.42
C HIS G 101 -17.66 6.92 16.01
N PHE G 102 -18.98 7.07 15.95
CA PHE G 102 -19.71 7.18 14.68
C PHE G 102 -20.28 8.60 14.57
N LYS G 103 -20.07 9.22 13.42
CA LYS G 103 -20.71 10.49 13.06
C LYS G 103 -21.19 10.40 11.62
N GLY G 104 -22.44 10.74 11.40
CA GLY G 104 -22.99 10.70 10.05
C GLY G 104 -24.46 10.44 9.99
N PRO G 105 -24.96 10.08 8.81
CA PRO G 105 -26.37 9.79 8.66
C PRO G 105 -26.86 8.77 9.69
N GLY G 106 -28.04 9.03 10.25
CA GLY G 106 -28.53 8.19 11.35
C GLY G 106 -29.48 7.05 11.05
N GLU G 107 -29.72 6.74 9.77
CA GLU G 107 -30.66 5.69 9.41
C GLU G 107 -30.44 4.38 10.18
N GLN G 108 -29.20 3.90 10.23
CA GLN G 108 -28.92 2.62 10.87
CA GLN G 108 -28.90 2.61 10.90
C GLN G 108 -29.02 2.69 12.40
N PHE G 109 -29.10 3.90 12.94
CA PHE G 109 -29.23 4.12 14.36
C PHE G 109 -30.67 4.51 14.76
N GLY G 110 -31.63 4.31 13.87
CA GLY G 110 -33.01 4.67 14.17
C GLY G 110 -33.32 6.16 14.13
N LYS G 111 -32.50 6.90 13.39
CA LYS G 111 -32.64 8.36 13.29
C LYS G 111 -32.59 8.76 11.82
N PRO G 112 -33.57 8.31 11.05
CA PRO G 112 -33.53 8.67 9.63
C PRO G 112 -33.68 10.17 9.39
N GLY G 113 -32.97 10.66 8.37
CA GLY G 113 -32.95 12.05 8.02
C GLY G 113 -32.17 12.95 8.93
N LYS G 114 -31.50 12.38 9.94
CA LYS G 114 -30.69 13.15 10.86
C LYS G 114 -29.24 12.76 10.74
N ILE G 115 -28.38 13.59 11.30
CA ILE G 115 -26.98 13.28 11.50
C ILE G 115 -26.81 12.98 12.98
N ILE G 116 -26.21 11.83 13.29
CA ILE G 116 -25.94 11.43 14.67
C ILE G 116 -24.46 11.50 14.98
N ASP G 117 -24.16 11.51 16.27
CA ASP G 117 -22.77 11.50 16.75
C ASP G 117 -22.79 10.72 18.06
N VAL G 118 -22.21 9.51 18.07
CA VAL G 118 -22.19 8.68 19.27
C VAL G 118 -20.78 8.12 19.50
N ALA G 119 -20.48 7.89 20.79
CA ALA G 119 -19.18 7.35 21.22
C ALA G 119 -19.49 6.18 22.15
N ILE G 120 -19.22 4.96 21.68
CA ILE G 120 -19.77 3.75 22.30
C ILE G 120 -18.64 2.96 22.98
N PRO G 121 -18.63 2.86 24.32
CA PRO G 121 -17.61 2.04 25.01
C PRO G 121 -17.64 0.59 24.53
N ALA G 122 -16.45 -0.02 24.42
CA ALA G 122 -16.37 -1.39 23.95
C ALA G 122 -15.04 -2.03 24.32
N VAL G 123 -15.09 -3.35 24.33
CA VAL G 123 -13.90 -4.20 24.36
C VAL G 123 -14.00 -5.11 23.12
N THR G 124 -12.95 -5.16 22.33
CA THR G 124 -12.88 -6.02 21.15
C THR G 124 -11.65 -6.88 21.31
N SER G 125 -11.77 -8.18 21.14
CA SER G 125 -10.62 -9.05 21.12
C SER G 125 -10.55 -9.78 19.79
N LEU G 126 -9.30 -10.02 19.35
CA LEU G 126 -9.04 -10.76 18.14
C LEU G 126 -8.12 -11.91 18.46
N LYS G 127 -8.51 -13.12 18.09
CA LYS G 127 -7.61 -14.26 18.10
CA LYS G 127 -7.61 -14.26 18.10
C LYS G 127 -7.13 -14.42 16.69
N LEU G 128 -5.81 -14.39 16.54
CA LEU G 128 -5.14 -14.36 15.26
C LEU G 128 -4.40 -15.68 14.96
N ASP G 129 -4.42 -16.04 13.69
CA ASP G 129 -3.54 -17.07 13.11
C ASP G 129 -2.44 -16.34 12.37
N LEU G 131 0.49 -17.36 11.12
CA LEU G 131 1.06 -18.00 9.92
C LEU G 131 0.27 -17.60 8.68
N ASN G 132 -1.06 -17.55 8.79
CA ASN G 132 -1.93 -17.28 7.66
C ASN G 132 -2.46 -15.85 7.63
N ARG G 133 -2.07 -15.04 8.63
CA ARG G 133 -2.51 -13.64 8.72
C ARG G 133 -4.05 -13.52 8.65
N ARG G 134 -4.66 -14.29 9.54
CA ARG G 134 -6.13 -14.31 9.57
CA ARG G 134 -6.11 -14.55 9.60
C ARG G 134 -6.65 -14.17 10.98
N VAL G 135 -7.83 -13.59 11.03
CA VAL G 135 -8.59 -13.52 12.28
C VAL G 135 -9.44 -14.80 12.43
N THR G 136 -9.14 -15.62 13.45
CA THR G 136 -9.93 -16.81 13.70
C THR G 136 -11.16 -16.51 14.55
N GLU G 137 -11.09 -15.53 15.45
CA GLU G 137 -12.26 -15.17 16.25
C GLU G 137 -12.18 -13.71 16.62
N HIS G 138 -13.19 -12.95 16.22
CA HIS G 138 -13.39 -11.55 16.63
C HIS G 138 -14.54 -11.53 17.63
N VAL G 139 -14.26 -11.10 18.86
CA VAL G 139 -15.30 -11.01 19.90
C VAL G 139 -15.52 -9.55 20.26
N ASP G 140 -16.75 -9.08 20.14
CA ASP G 140 -17.16 -7.74 20.58
C ASP G 140 -18.02 -7.79 21.84
N LEU G 141 -17.67 -6.88 22.76
CA LEU G 141 -18.45 -6.58 23.94
C LEU G 141 -18.79 -5.08 23.91
N ILE G 142 -19.98 -4.76 23.43
CA ILE G 142 -20.36 -3.39 23.09
C ILE G 142 -21.32 -2.88 24.16
N ASP G 143 -21.09 -1.64 24.64
CA ASP G 143 -21.97 -1.00 25.63
C ASP G 143 -23.15 -0.32 24.92
N TYR G 144 -24.15 -1.15 24.55
CA TYR G 144 -25.31 -0.66 23.81
C TYR G 144 -26.16 0.29 24.64
N GLN G 145 -26.22 0.10 25.96
CA GLN G 145 -27.06 1.01 26.75
C GLN G 145 -26.51 2.44 26.69
N THR G 146 -25.18 2.62 26.74
CA THR G 146 -24.60 3.97 26.65
C THR G 146 -24.89 4.57 25.24
N SER G 148 -27.57 3.91 23.42
CA SER G 148 -28.98 4.25 23.43
CA SER G 148 -29.00 4.23 23.46
C SER G 148 -29.23 5.53 24.22
N ASP G 149 -28.51 5.70 25.33
CA ASP G 149 -28.65 6.91 26.12
C ASP G 149 -28.27 8.14 25.31
N GLN G 150 -27.19 8.06 24.54
CA GLN G 150 -26.79 9.15 23.67
C GLN G 150 -27.80 9.41 22.54
N LEU G 151 -28.30 8.36 21.92
CA LEU G 151 -29.27 8.48 20.82
C LEU G 151 -30.62 9.07 21.32
N ALA G 152 -30.96 8.85 22.59
CA ALA G 152 -32.20 9.41 23.18
C ALA G 152 -32.19 10.91 23.16
N GLN G 154 -30.93 12.67 20.64
CA GLN G 154 -30.72 13.05 19.24
C GLN G 154 -31.93 12.70 18.40
N GLU H 18 -31.32 3.53 38.87
CA GLU H 18 -30.52 2.73 39.81
C GLU H 18 -29.66 1.71 39.02
N PRO H 20 -28.52 -1.60 37.40
CA PRO H 20 -29.19 -2.82 36.98
C PRO H 20 -28.94 -3.97 37.98
N GLN H 21 -29.93 -4.84 38.19
CA GLN H 21 -29.78 -5.95 39.12
C GLN H 21 -28.59 -6.85 38.78
N GLU H 22 -28.36 -7.03 37.48
CA GLU H 22 -27.26 -7.91 37.05
C GLU H 22 -25.88 -7.35 37.48
N GLN H 23 -25.74 -6.04 37.34
CA GLN H 23 -24.54 -5.35 37.80
C GLN H 23 -24.37 -5.45 39.32
N GLN H 24 -25.48 -5.26 40.06
CA GLN H 24 -25.40 -5.33 41.52
C GLN H 24 -24.91 -6.70 41.95
N LEU H 25 -25.42 -7.75 41.30
CA LEU H 25 -24.94 -9.12 41.62
C LEU H 25 -23.48 -9.35 41.27
N ALA H 26 -23.02 -8.83 40.11
CA ALA H 26 -21.63 -8.91 39.71
C ALA H 26 -20.75 -8.25 40.77
N VAL H 27 -21.17 -7.12 41.31
CA VAL H 27 -20.40 -6.42 42.34
C VAL H 27 -20.36 -7.24 43.62
N LYS H 28 -21.48 -7.84 44.01
CA LYS H 28 -21.44 -8.72 45.18
CA LYS H 28 -21.47 -8.74 45.18
C LYS H 28 -20.46 -9.88 45.01
N TYR H 29 -20.44 -10.48 43.82
CA TYR H 29 -19.52 -11.56 43.52
C TYR H 29 -18.07 -11.10 43.57
N ASP H 31 -16.79 -8.57 45.08
CA ASP H 31 -16.42 -8.21 46.46
C ASP H 31 -16.12 -9.49 47.24
N ALA H 32 -16.92 -10.54 47.10
CA ALA H 32 -16.60 -11.80 47.76
C ALA H 32 -15.29 -12.38 47.29
N LEU H 33 -15.05 -12.32 45.99
CA LEU H 33 -13.84 -12.88 45.41
CA LEU H 33 -13.83 -12.84 45.38
C LEU H 33 -12.59 -12.11 45.93
N THR H 34 -12.63 -10.78 45.87
CA THR H 34 -11.46 -9.98 46.20
C THR H 34 -11.17 -9.95 47.70
N GLU H 35 -12.18 -10.17 48.52
CA GLU H 35 -12.04 -10.31 49.97
CA GLU H 35 -11.93 -10.27 49.97
C GLU H 35 -11.65 -11.72 50.41
N HIS H 36 -11.71 -12.66 49.47
CA HIS H 36 -11.62 -14.10 49.70
CA HIS H 36 -11.60 -14.10 49.81
C HIS H 36 -12.64 -14.53 50.82
N ASP H 37 -13.87 -14.03 50.69
CA ASP H 37 -15.03 -14.48 51.51
C ASP H 37 -15.59 -15.73 50.84
N TYR H 38 -14.94 -16.85 51.10
CA TYR H 38 -15.26 -18.12 50.42
C TYR H 38 -16.64 -18.65 50.77
N LYS H 39 -17.13 -18.40 51.98
CA LYS H 39 -18.49 -18.83 52.35
C LYS H 39 -19.53 -18.18 51.42
N THR H 40 -19.35 -16.92 51.09
CA THR H 40 -20.21 -16.23 50.15
C THR H 40 -19.89 -16.66 48.74
N LEU H 41 -18.61 -16.72 48.42
CA LEU H 41 -18.20 -17.01 47.04
C LEU H 41 -18.71 -18.33 46.52
N ILE H 42 -18.67 -19.36 47.35
CA ILE H 42 -19.06 -20.69 46.92
C ILE H 42 -20.55 -20.74 46.55
N THR H 43 -21.36 -19.83 47.08
CA THR H 43 -22.77 -19.81 46.72
C THR H 43 -22.97 -19.43 45.26
N PHE H 44 -21.98 -18.79 44.66
CA PHE H 44 -22.03 -18.41 43.26
C PHE H 44 -21.60 -19.50 42.28
N TYR H 45 -21.09 -20.62 42.78
CA TYR H 45 -20.57 -21.66 41.88
C TYR H 45 -21.29 -22.99 42.04
N ASN H 46 -21.39 -23.72 40.94
CA ASN H 46 -21.61 -25.17 41.04
C ASN H 46 -20.49 -25.88 40.30
N ARG H 47 -20.56 -27.22 40.16
CA ARG H 47 -19.40 -27.90 39.57
CA ARG H 47 -19.47 -27.97 39.51
C ARG H 47 -19.16 -27.55 38.10
N ASP H 48 -20.14 -26.91 37.46
CA ASP H 48 -20.05 -26.50 36.06
C ASP H 48 -19.57 -25.08 35.84
N SER H 49 -19.44 -24.27 36.90
CA SER H 49 -19.03 -22.87 36.76
C SER H 49 -17.61 -22.82 36.24
N ILE H 50 -17.37 -22.04 35.18
CA ILE H 50 -16.06 -21.99 34.52
C ILE H 50 -15.37 -20.67 34.82
N PHE H 51 -14.15 -20.72 35.35
CA PHE H 51 -13.24 -19.55 35.46
C PHE H 51 -12.15 -19.75 34.39
N PHE H 52 -12.11 -18.83 33.43
CA PHE H 52 -11.14 -18.91 32.34
C PHE H 52 -10.35 -17.61 32.23
N ASP H 53 -9.05 -17.67 32.55
CA ASP H 53 -8.15 -16.56 32.30
C ASP H 53 -7.68 -16.83 30.90
N LYS H 54 -8.33 -16.18 29.93
CA LYS H 54 -8.06 -16.44 28.50
CA LYS H 54 -8.08 -16.48 28.54
C LYS H 54 -6.67 -15.98 28.13
N THR H 55 -6.19 -14.90 28.73
CA THR H 55 -4.85 -14.40 28.51
C THR H 55 -3.75 -15.31 29.04
N ALA H 56 -3.98 -16.01 30.15
CA ALA H 56 -3.05 -16.98 30.69
C ALA H 56 -3.30 -18.38 30.10
N ASN H 57 -4.38 -18.57 29.39
CA ASN H 57 -4.90 -19.85 28.94
C ASN H 57 -5.00 -20.87 30.07
N ARG H 58 -5.59 -20.42 31.18
CA ARG H 58 -5.76 -21.23 32.41
CA ARG H 58 -5.78 -21.28 32.35
C ARG H 58 -7.27 -21.32 32.72
N LYS H 59 -7.79 -22.53 32.85
CA LYS H 59 -9.19 -22.78 33.14
C LYS H 59 -9.31 -23.60 34.42
N TYR H 60 -10.28 -23.22 35.25
CA TYR H 60 -10.65 -23.96 36.47
C TYR H 60 -12.17 -24.07 36.45
N THR H 61 -12.66 -25.30 36.66
CA THR H 61 -14.11 -25.55 36.56
C THR H 61 -14.61 -26.18 37.87
N GLY H 62 -15.63 -25.53 38.44
CA GLY H 62 -16.27 -25.95 39.67
C GLY H 62 -15.72 -25.16 40.86
N GLY H 63 -16.59 -24.86 41.83
CA GLY H 63 -16.19 -24.08 43.00
C GLY H 63 -14.98 -24.62 43.73
N ARG H 64 -14.90 -25.93 43.93
CA ARG H 64 -13.77 -26.46 44.65
C ARG H 64 -12.43 -26.07 43.99
N PHE H 65 -12.37 -26.20 42.66
CA PHE H 65 -11.10 -25.98 41.97
C PHE H 65 -10.84 -24.48 41.75
N ILE H 66 -11.88 -23.66 41.61
CA ILE H 66 -11.69 -22.21 41.55
C ILE H 66 -11.12 -21.70 42.87
N ILE H 67 -11.67 -22.14 43.99
CA ILE H 67 -11.21 -21.64 45.28
C ILE H 67 -9.79 -22.17 45.57
N ASP H 68 -9.49 -23.42 45.20
CA ASP H 68 -8.11 -23.93 45.29
CA ASP H 68 -8.15 -23.91 45.32
C ASP H 68 -7.15 -23.06 44.52
N PHE H 69 -7.53 -22.65 43.30
CA PHE H 69 -6.71 -21.79 42.49
C PHE H 69 -6.47 -20.43 43.22
N LEU H 70 -7.53 -19.84 43.72
CA LEU H 70 -7.38 -18.55 44.42
C LEU H 70 -6.48 -18.65 45.61
N GLU H 71 -6.64 -19.70 46.40
CA GLU H 71 -5.72 -19.92 47.54
C GLU H 71 -4.27 -19.98 47.12
N ARG H 72 -3.97 -20.69 46.04
CA ARG H 72 -2.60 -20.74 45.54
C ARG H 72 -2.10 -19.45 44.96
N ALA H 73 -2.89 -18.85 44.10
CA ALA H 73 -2.53 -17.69 43.34
C ALA H 73 -2.26 -16.53 44.31
N HIS H 74 -3.04 -16.47 45.38
CA HIS H 74 -3.03 -15.28 46.23
C HIS H 74 -2.46 -15.60 47.60
N GLN H 75 -1.69 -16.68 47.74
CA GLN H 75 -1.20 -17.06 49.05
CA GLN H 75 -1.17 -17.07 49.03
C GLN H 75 -0.41 -15.90 49.70
N GLY H 76 -0.78 -15.65 50.96
CA GLY H 76 -0.11 -14.64 51.79
C GLY H 76 -0.42 -13.21 51.41
N VAL H 77 -1.43 -12.99 50.59
CA VAL H 77 -1.73 -11.67 50.06
C VAL H 77 -1.86 -10.60 51.19
N LEU H 78 -1.31 -9.41 50.91
CA LEU H 78 -1.50 -8.24 51.78
C LEU H 78 -2.69 -7.37 51.39
N GLU H 79 -2.89 -7.15 50.07
CA GLU H 79 -3.93 -6.23 49.55
CA GLU H 79 -3.96 -6.28 49.57
C GLU H 79 -4.37 -6.76 48.19
N TYR H 80 -5.67 -6.75 47.94
CA TYR H 80 -6.21 -7.18 46.64
C TYR H 80 -7.49 -6.40 46.37
N ASP H 81 -7.57 -5.74 45.20
CA ASP H 81 -8.82 -5.03 44.82
C ASP H 81 -8.96 -5.06 43.32
N PHE H 82 -10.23 -5.04 42.87
CA PHE H 82 -10.51 -4.82 41.47
C PHE H 82 -11.19 -3.47 41.40
N ASN H 83 -10.49 -2.50 40.81
CA ASN H 83 -10.97 -1.12 40.70
C ASN H 83 -11.66 -0.97 39.36
N ILE H 84 -13.00 -0.91 39.40
CA ILE H 84 -13.82 -0.85 38.19
C ILE H 84 -13.78 0.55 37.62
N GLU H 85 -13.36 0.71 36.37
CA GLU H 85 -13.38 2.00 35.67
C GLU H 85 -14.68 2.18 34.89
N HIS H 86 -15.21 1.12 34.30
CA HIS H 86 -16.44 1.18 33.56
C HIS H 86 -17.07 -0.19 33.58
N TYR H 88 -20.81 -2.34 32.33
CA TYR H 88 -22.05 -2.37 31.59
C TYR H 88 -22.54 -3.80 31.51
N ASN H 89 -23.76 -3.98 31.06
CA ASN H 89 -24.33 -5.31 30.93
C ASN H 89 -25.28 -5.38 29.73
N ALA H 90 -25.40 -6.59 29.19
CA ALA H 90 -26.38 -6.96 28.21
C ALA H 90 -27.10 -8.15 28.79
N GLY H 91 -28.28 -7.90 29.36
CA GLY H 91 -28.96 -8.95 30.14
C GLY H 91 -28.03 -9.42 31.24
N SER H 92 -27.87 -10.74 31.34
CA SER H 92 -27.09 -11.28 32.45
CA SER H 92 -27.08 -11.37 32.39
C SER H 92 -25.59 -11.45 32.10
N LEU H 93 -25.11 -10.88 30.99
CA LEU H 93 -23.69 -10.79 30.68
C LEU H 93 -23.19 -9.39 31.17
N VAL H 94 -22.31 -9.39 32.17
CA VAL H 94 -21.77 -8.15 32.77
C VAL H 94 -20.30 -8.01 32.40
N VAL H 95 -19.91 -6.84 31.91
CA VAL H 95 -18.58 -6.52 31.46
C VAL H 95 -18.00 -5.45 32.37
N ILE H 97 -14.45 -3.22 33.02
CA ILE H 97 -13.14 -2.73 32.60
C ILE H 97 -12.52 -2.09 33.80
N GLY H 98 -11.32 -2.48 34.13
CA GLY H 98 -10.68 -1.91 35.32
C GLY H 98 -9.23 -2.32 35.49
N ASN H 99 -8.81 -2.38 36.75
CA ASN H 99 -7.43 -2.62 37.10
C ASN H 99 -7.40 -3.43 38.40
N TYR H 100 -6.65 -4.54 38.40
CA TYR H 100 -6.46 -5.33 39.60
C TYR H 100 -5.19 -4.88 40.31
N HIS H 101 -5.35 -4.52 41.56
CA HIS H 101 -4.23 -4.17 42.43
C HIS H 101 -3.94 -5.36 43.35
N PHE H 102 -2.73 -5.90 43.28
CA PHE H 102 -2.29 -7.02 44.12
C PHE H 102 -0.97 -6.66 44.78
N LYS H 103 -0.93 -6.77 46.11
CA LYS H 103 0.27 -6.67 46.89
C LYS H 103 0.43 -7.94 47.71
N GLY H 104 1.55 -8.63 47.53
CA GLY H 104 1.77 -9.87 48.25
C GLY H 104 3.12 -10.48 48.00
N PRO H 105 3.37 -11.66 48.61
CA PRO H 105 4.65 -12.36 48.48
C PRO H 105 5.05 -12.54 47.02
N GLY H 106 6.33 -12.32 46.74
CA GLY H 106 6.77 -12.26 45.35
C GLY H 106 7.24 -13.61 44.79
N GLU H 107 7.34 -14.62 45.67
CA GLU H 107 8.04 -15.88 45.33
C GLU H 107 7.57 -16.40 43.98
N GLN H 108 6.25 -16.55 43.83
CA GLN H 108 5.70 -17.05 42.59
C GLN H 108 5.76 -16.09 41.39
N PHE H 109 6.02 -14.80 41.62
CA PHE H 109 6.18 -13.85 40.52
C PHE H 109 7.64 -13.68 40.10
N GLY H 110 8.53 -14.54 40.60
CA GLY H 110 9.96 -14.43 40.31
C GLY H 110 10.68 -13.44 41.20
N LYS H 111 10.07 -13.11 42.35
CA LYS H 111 10.65 -12.15 43.29
C LYS H 111 10.71 -12.73 44.71
N PRO H 112 11.48 -13.82 44.90
CA PRO H 112 11.61 -14.46 46.23
C PRO H 112 12.04 -13.49 47.31
N GLY H 113 11.48 -13.61 48.51
CA GLY H 113 11.89 -12.76 49.63
C GLY H 113 11.40 -11.32 49.62
N LYS H 114 10.60 -10.95 48.62
CA LYS H 114 10.09 -9.61 48.51
C LYS H 114 8.57 -9.59 48.62
N ILE H 115 8.01 -8.42 48.87
CA ILE H 115 6.59 -8.20 48.63
C ILE H 115 6.50 -7.37 47.35
N ILE H 116 5.74 -7.87 46.40
CA ILE H 116 5.53 -7.18 45.13
C ILE H 116 4.19 -6.41 45.18
N ASP H 117 4.06 -5.42 44.33
CA ASP H 117 2.86 -4.53 44.31
C ASP H 117 2.63 -4.15 42.87
N VAL H 118 1.56 -4.66 42.30
CA VAL H 118 1.24 -4.46 40.88
C VAL H 118 -0.17 -3.93 40.71
N ALA H 119 -0.39 -3.24 39.59
CA ALA H 119 -1.69 -2.66 39.24
C ALA H 119 -1.93 -2.94 37.78
N ILE H 120 -2.76 -3.92 37.51
CA ILE H 120 -2.78 -4.60 36.20
C ILE H 120 -4.07 -4.24 35.42
N PRO H 121 -3.98 -3.60 34.26
CA PRO H 121 -5.19 -3.41 33.42
C PRO H 121 -5.86 -4.71 33.07
N ALA H 122 -7.18 -4.70 33.04
CA ALA H 122 -7.94 -5.89 32.80
C ALA H 122 -9.36 -5.66 32.35
N VAL H 123 -9.94 -6.69 31.71
CA VAL H 123 -11.37 -6.81 31.49
C VAL H 123 -11.83 -8.10 32.09
N THR H 124 -12.91 -8.07 32.87
CA THR H 124 -13.50 -9.28 33.41
C THR H 124 -14.97 -9.29 32.97
N SER H 125 -15.43 -10.40 32.39
CA SER H 125 -16.83 -10.58 32.06
C SER H 125 -17.39 -11.74 32.83
N LEU H 126 -18.64 -11.58 33.29
CA LEU H 126 -19.40 -12.62 33.99
C LEU H 126 -20.71 -12.92 33.27
N LYS H 127 -20.98 -14.18 32.98
CA LYS H 127 -22.31 -14.64 32.58
C LYS H 127 -22.98 -15.19 33.84
N LEU H 128 -24.06 -14.55 34.21
CA LEU H 128 -24.79 -14.86 35.43
C LEU H 128 -26.05 -15.64 35.17
N ASP H 129 -26.38 -16.51 36.10
CA ASP H 129 -27.69 -17.16 36.16
C ASP H 129 -28.42 -16.44 37.27
N LEU H 131 -31.58 -16.37 38.31
CA LEU H 131 -32.58 -17.11 39.11
C LEU H 131 -31.88 -17.85 40.26
N ASN H 132 -30.75 -18.49 39.95
CA ASN H 132 -30.01 -19.26 40.93
C ASN H 132 -28.84 -18.47 41.57
N ARG H 133 -28.67 -17.21 41.19
CA ARG H 133 -27.60 -16.35 41.76
CA ARG H 133 -27.60 -16.36 41.77
C ARG H 133 -26.22 -17.01 41.65
N ARG H 134 -25.92 -17.49 40.44
CA ARG H 134 -24.63 -18.13 40.18
C ARG H 134 -23.91 -17.51 39.03
N VAL H 135 -22.59 -17.64 39.07
CA VAL H 135 -21.73 -17.28 37.94
C VAL H 135 -21.50 -18.54 37.12
N THR H 136 -22.01 -18.55 35.88
CA THR H 136 -21.80 -19.71 35.02
C THR H 136 -20.44 -19.63 34.26
N GLU H 137 -19.98 -18.43 33.93
CA GLU H 137 -18.70 -18.25 33.24
C GLU H 137 -18.10 -16.92 33.67
N HIS H 138 -16.87 -16.99 34.14
CA HIS H 138 -16.08 -15.84 34.51
C HIS H 138 -14.85 -15.83 33.59
N VAL H 139 -14.74 -14.83 32.72
CA VAL H 139 -13.64 -14.74 31.77
C VAL H 139 -12.79 -13.54 32.09
N ASP H 140 -11.49 -13.75 32.29
CA ASP H 140 -10.52 -12.70 32.53
C ASP H 140 -9.63 -12.47 31.29
N LEU H 141 -9.43 -11.20 30.96
CA LEU H 141 -8.45 -10.74 29.97
C LEU H 141 -7.51 -9.77 30.67
N ILE H 142 -6.36 -10.27 31.08
CA ILE H 142 -5.47 -9.56 31.96
C ILE H 142 -4.23 -9.14 31.20
N ASP H 143 -3.80 -7.91 31.44
CA ASP H 143 -2.63 -7.36 30.74
C ASP H 143 -1.30 -7.76 31.45
N TYR H 144 -0.89 -9.02 31.27
CA TYR H 144 0.31 -9.50 31.92
C TYR H 144 1.61 -8.82 31.50
N GLN H 145 1.72 -8.26 30.30
CA GLN H 145 2.94 -7.58 29.95
C GLN H 145 3.13 -6.37 30.87
N THR H 146 2.07 -5.62 31.14
CA THR H 146 2.15 -4.52 32.06
C THR H 146 2.58 -4.97 33.44
N SER H 148 4.43 -7.56 34.10
CA SER H 148 5.86 -7.86 33.95
CA SER H 148 5.86 -7.84 33.96
C SER H 148 6.71 -6.58 33.95
N ASP H 149 6.25 -5.54 33.27
CA ASP H 149 6.96 -4.26 33.23
C ASP H 149 7.11 -3.69 34.64
N GLN H 150 6.06 -3.81 35.45
CA GLN H 150 6.08 -3.24 36.80
C GLN H 150 6.99 -4.05 37.70
N LEU H 151 6.98 -5.35 37.51
CA LEU H 151 7.81 -6.25 38.28
C LEU H 151 9.28 -6.09 38.00
N ALA H 152 9.60 -5.67 36.77
CA ALA H 152 10.98 -5.45 36.39
C ALA H 152 11.63 -4.39 37.26
N GLN H 154 11.00 -4.03 40.43
CA GLN H 154 10.87 -4.48 41.82
C GLN H 154 11.83 -5.62 42.18
#